data_6DO4
#
_entry.id   6DO4
#
_cell.length_a   44.637
_cell.length_b   88.596
_cell.length_c   88.824
_cell.angle_alpha   90.000
_cell.angle_beta   104.770
_cell.angle_gamma   90.000
#
_symmetry.space_group_name_H-M   'P 1 21 1'
#
loop_
_entity.id
_entity.type
_entity.pdbx_description
1 polymer 'Kelch domain-containing protein 2'
2 polymer 'SELS C-END DEGRON'
3 water water
#
loop_
_entity_poly.entity_id
_entity_poly.type
_entity_poly.pdbx_seq_one_letter_code
_entity_poly.pdbx_strand_id
1 'polypeptide(L)'
;SMADGNEDLRADDLPGPAFESYESMELACPAERSGHVAVSDGRHMFVWGGYKSNQVRGLYDFYLPREELWIYNMETGRWK
KINTEGDVPPSMSGSCAVCVDRVLYLFGGHHSRGNTNKFYMLDSRSTDRVLQWERIDCQGIPPSSKDKLGVWVYKNKLIF
FGGYGYLPEDKVLGTFEFDETSFWNSSHPRGWNDHVHILDTETFTWSQPITTGKAPSPRAAHACATVGNRGFVFGGRYRD
ARMNDLHYLNLDTWEWNELIPQGICPVGRSWHSLTPVSSDHLFLFGGFTTDKQPLSDAWTYCISKNEWIQFNHPYTEKPR
LWHTACASDEGEVIVFGGCANNLLVHHRAAHSNEILIFSVQPK
;
A,B
2 'polypeptide(L)' GPSSGG D,C
#
# COMPACT_ATOMS: atom_id res chain seq x y z
N ALA A 28 11.98 9.35 -22.62
CA ALA A 28 11.72 8.55 -21.43
C ALA A 28 12.35 9.22 -20.23
N CYS A 29 11.54 9.90 -19.41
CA CYS A 29 12.07 10.65 -18.28
C CYS A 29 11.12 10.63 -17.10
N PRO A 30 11.62 10.40 -15.88
CA PRO A 30 10.73 10.32 -14.73
C PRO A 30 10.17 11.68 -14.37
N ALA A 31 8.97 11.67 -13.81
CA ALA A 31 8.36 12.89 -13.31
C ALA A 31 9.20 13.55 -12.22
N GLU A 32 9.06 14.86 -12.10
CA GLU A 32 9.75 15.60 -11.06
C GLU A 32 9.25 15.20 -9.68
N ARG A 33 10.09 15.39 -8.67
CA ARG A 33 9.87 14.83 -7.33
C ARG A 33 10.94 15.34 -6.37
N SER A 34 10.58 15.36 -5.09
CA SER A 34 11.48 15.60 -3.99
C SER A 34 11.31 14.46 -2.99
N GLY A 35 12.32 14.27 -2.14
CA GLY A 35 12.23 13.23 -1.13
C GLY A 35 12.28 11.81 -1.65
N HIS A 36 12.70 11.61 -2.89
CA HIS A 36 12.91 10.26 -3.43
C HIS A 36 14.22 9.70 -2.89
N VAL A 37 14.53 8.46 -3.28
CA VAL A 37 15.84 7.89 -3.04
C VAL A 37 16.52 7.69 -4.38
N ALA A 38 17.84 7.82 -4.37
CA ALA A 38 18.67 7.45 -5.51
C ALA A 38 19.91 6.77 -5.00
N VAL A 39 20.13 5.55 -5.48
CA VAL A 39 21.31 4.76 -5.15
C VAL A 39 21.96 4.36 -6.46
N SER A 40 23.24 4.02 -6.40
CA SER A 40 24.00 3.81 -7.62
C SER A 40 25.03 2.72 -7.40
N ASP A 41 25.41 2.05 -8.49
CA ASP A 41 26.58 1.19 -8.47
C ASP A 41 27.79 1.83 -9.14
N GLY A 42 27.71 3.13 -9.46
CA GLY A 42 28.75 3.79 -10.23
C GLY A 42 28.44 3.89 -11.70
N ARG A 43 27.45 3.14 -12.19
CA ARG A 43 27.10 3.14 -13.59
C ARG A 43 25.61 3.41 -13.77
N HIS A 44 24.79 2.69 -13.01
CA HIS A 44 23.35 2.83 -13.02
C HIS A 44 22.90 3.50 -11.74
N MET A 45 22.00 4.47 -11.87
CA MET A 45 21.40 5.14 -10.72
C MET A 45 19.94 4.76 -10.67
N PHE A 46 19.51 4.18 -9.54
CA PHE A 46 18.14 3.72 -9.35
C PHE A 46 17.36 4.74 -8.51
N VAL A 47 16.25 5.24 -9.06
CA VAL A 47 15.45 6.27 -8.43
C VAL A 47 14.10 5.69 -8.06
N TRP A 48 13.66 5.96 -6.83
CA TRP A 48 12.39 5.46 -6.37
C TRP A 48 11.71 6.48 -5.46
N GLY A 49 10.37 6.52 -5.52
CA GLY A 49 9.58 7.17 -4.49
C GLY A 49 9.59 8.68 -4.60
N GLY A 50 9.47 9.34 -3.45
CA GLY A 50 9.32 10.79 -3.40
C GLY A 50 7.87 11.25 -3.65
N TYR A 51 7.68 12.56 -3.65
CA TYR A 51 6.37 13.12 -3.94
C TYR A 51 6.54 14.37 -4.80
N LYS A 52 5.41 14.89 -5.29
CA LYS A 52 5.39 16.11 -6.08
C LYS A 52 4.08 16.85 -5.80
N SER A 53 3.82 17.89 -6.59
CA SER A 53 2.59 18.67 -6.45
C SER A 53 1.95 18.92 -7.81
N PHE A 62 0.14 12.96 -5.44
CA PHE A 62 1.20 13.55 -4.64
C PHE A 62 2.40 12.58 -4.52
N TYR A 63 2.24 11.39 -3.95
CA TYR A 63 3.35 10.44 -3.93
C TYR A 63 3.52 9.77 -5.29
N LEU A 64 4.77 9.57 -5.71
CA LEU A 64 5.03 8.95 -7.00
C LEU A 64 4.70 7.46 -6.96
N PRO A 65 4.39 6.86 -8.10
CA PRO A 65 3.88 5.48 -8.11
C PRO A 65 4.86 4.50 -7.48
N ARG A 66 4.35 3.70 -6.53
CA ARG A 66 5.20 2.85 -5.73
C ARG A 66 5.92 1.79 -6.55
N GLU A 67 5.30 1.29 -7.61
CA GLU A 67 5.88 0.16 -8.32
C GLU A 67 6.97 0.59 -9.29
N GLU A 68 7.08 1.88 -9.56
CA GLU A 68 8.05 2.40 -10.53
C GLU A 68 9.44 2.42 -9.92
N LEU A 69 10.41 1.88 -10.67
CA LEU A 69 11.84 2.04 -10.39
C LEU A 69 12.46 2.63 -11.65
N TRP A 70 13.01 3.84 -11.53
CA TRP A 70 13.65 4.50 -12.66
C TRP A 70 15.15 4.25 -12.62
N ILE A 71 15.71 3.86 -13.76
CA ILE A 71 17.13 3.56 -13.87
C ILE A 71 17.75 4.57 -14.82
N TYR A 72 18.71 5.32 -14.32
CA TYR A 72 19.44 6.31 -15.11
C TYR A 72 20.82 5.74 -15.42
N ASN A 73 21.11 5.62 -16.71
CA ASN A 73 22.44 5.17 -17.14
C ASN A 73 23.36 6.38 -17.10
N MET A 74 24.33 6.37 -16.18
CA MET A 74 25.20 7.51 -16.02
C MET A 74 26.09 7.71 -17.23
N GLU A 75 26.40 6.64 -17.98
CA GLU A 75 27.27 6.79 -19.14
C GLU A 75 26.53 7.35 -20.35
N THR A 76 25.32 6.84 -20.63
CA THR A 76 24.55 7.28 -21.80
C THR A 76 23.64 8.45 -21.49
N GLY A 77 23.25 8.66 -20.23
CA GLY A 77 22.34 9.72 -19.90
C GLY A 77 20.89 9.41 -20.14
N ARG A 78 20.54 8.14 -20.34
CA ARG A 78 19.18 7.74 -20.70
C ARG A 78 18.51 7.00 -19.54
N TRP A 79 17.19 7.18 -19.46
CA TRP A 79 16.36 6.59 -18.43
C TRP A 79 15.69 5.32 -18.92
N LYS A 80 15.35 4.45 -17.98
CA LYS A 80 14.51 3.29 -18.24
C LYS A 80 13.61 3.11 -17.04
N LYS A 81 12.31 3.14 -17.27
CA LYS A 81 11.35 2.82 -16.23
C LYS A 81 11.04 1.33 -16.25
N ILE A 82 11.05 0.70 -15.08
CA ILE A 82 10.56 -0.65 -14.93
C ILE A 82 9.54 -0.70 -13.80
N ASN A 83 8.59 -1.62 -13.90
CA ASN A 83 7.61 -1.88 -12.85
C ASN A 83 8.04 -3.08 -12.01
N THR A 84 8.18 -2.87 -10.72
CA THR A 84 8.64 -3.90 -9.80
C THR A 84 7.45 -4.67 -9.24
N GLU A 85 7.73 -5.85 -8.70
CA GLU A 85 6.70 -6.69 -8.11
C GLU A 85 7.10 -7.10 -6.70
N GLY A 86 6.45 -8.12 -6.15
CA GLY A 86 6.76 -8.58 -4.82
C GLY A 86 6.15 -7.69 -3.74
N ASP A 87 6.80 -7.69 -2.57
CA ASP A 87 6.41 -6.85 -1.45
C ASP A 87 6.68 -5.37 -1.72
N VAL A 88 5.95 -4.76 -2.63
CA VAL A 88 6.31 -3.39 -3.01
C VAL A 88 6.08 -2.46 -1.82
N PRO A 89 7.08 -1.69 -1.40
CA PRO A 89 6.85 -0.73 -0.32
C PRO A 89 5.77 0.27 -0.70
N PRO A 90 5.10 0.88 0.27
CA PRO A 90 4.19 1.98 -0.07
C PRO A 90 5.00 3.15 -0.64
N SER A 91 4.33 3.98 -1.45
CA SER A 91 5.01 5.18 -1.94
C SER A 91 5.34 6.07 -0.75
N MET A 92 6.58 6.53 -0.69
CA MET A 92 7.07 7.25 0.47
C MET A 92 8.01 8.36 0.05
N SER A 93 8.07 9.39 0.89
CA SER A 93 9.18 10.34 0.86
C SER A 93 10.05 10.11 2.08
N GLY A 94 11.25 10.68 2.02
CA GLY A 94 12.19 10.57 3.11
C GLY A 94 12.70 9.19 3.42
N SER A 95 12.45 8.19 2.57
CA SER A 95 13.04 6.88 2.80
C SER A 95 14.55 6.96 2.66
N CYS A 96 15.22 5.95 3.23
CA CYS A 96 16.67 5.85 3.29
C CYS A 96 17.11 4.57 2.59
N ALA A 97 17.87 4.70 1.50
CA ALA A 97 18.22 3.54 0.69
C ALA A 97 19.72 3.48 0.48
N VAL A 98 20.20 2.27 0.18
CA VAL A 98 21.59 2.00 -0.16
C VAL A 98 21.62 0.98 -1.28
N CYS A 99 22.75 0.96 -2.00
CA CYS A 99 23.05 -0.06 -3.00
C CYS A 99 24.38 -0.70 -2.61
N VAL A 100 24.32 -1.96 -2.19
CA VAL A 100 25.50 -2.76 -1.86
C VAL A 100 25.53 -3.93 -2.82
N ASP A 101 26.60 -4.05 -3.60
CA ASP A 101 26.74 -5.09 -4.62
C ASP A 101 25.43 -5.28 -5.38
N ARG A 102 24.86 -4.17 -5.85
CA ARG A 102 23.66 -4.14 -6.68
C ARG A 102 22.43 -4.73 -5.99
N VAL A 103 22.46 -4.92 -4.68
CA VAL A 103 21.26 -5.16 -3.89
C VAL A 103 20.83 -3.83 -3.29
N LEU A 104 19.59 -3.46 -3.52
CA LEU A 104 19.04 -2.24 -2.97
C LEU A 104 18.45 -2.57 -1.60
N TYR A 105 18.76 -1.74 -0.59
CA TYR A 105 18.10 -1.83 0.69
C TYR A 105 17.43 -0.49 1.01
N LEU A 106 16.25 -0.55 1.61
CA LEU A 106 15.44 0.62 1.86
C LEU A 106 14.92 0.57 3.29
N PHE A 107 15.07 1.65 4.04
CA PHE A 107 14.50 1.69 5.38
C PHE A 107 13.68 2.96 5.55
N GLY A 108 12.65 2.86 6.38
CA GLY A 108 11.90 4.02 6.82
C GLY A 108 11.18 4.77 5.72
N GLY A 109 10.81 6.00 6.05
CA GLY A 109 10.14 6.89 5.14
C GLY A 109 8.80 7.35 5.69
N HIS A 110 8.08 8.08 4.84
CA HIS A 110 6.80 8.66 5.19
C HIS A 110 5.85 8.37 4.04
N HIS A 111 4.79 7.63 4.32
CA HIS A 111 3.72 7.40 3.36
C HIS A 111 2.47 8.14 3.82
N SER A 112 1.36 7.89 3.12
CA SER A 112 0.14 8.65 3.34
C SER A 112 -0.39 8.53 4.77
N ARG A 113 -0.01 7.50 5.50
CA ARG A 113 -0.42 7.35 6.89
C ARG A 113 0.72 7.55 7.88
N GLY A 114 1.82 8.14 7.45
CA GLY A 114 2.85 8.53 8.40
C GLY A 114 4.18 7.82 8.24
N ASN A 115 4.98 7.83 9.31
CA ASN A 115 6.32 7.27 9.21
C ASN A 115 6.30 5.78 9.42
N THR A 116 7.35 5.11 8.92
CA THR A 116 7.46 3.67 9.04
C THR A 116 8.88 3.32 9.47
N ASN A 117 9.04 2.09 9.96
CA ASN A 117 10.36 1.56 10.20
C ASN A 117 10.54 0.21 9.50
N LYS A 118 9.79 -0.03 8.44
CA LYS A 118 9.96 -1.23 7.64
C LYS A 118 11.30 -1.21 6.90
N PHE A 119 11.79 -2.42 6.59
CA PHE A 119 13.03 -2.61 5.86
C PHE A 119 12.77 -3.50 4.65
N TYR A 120 13.20 -3.05 3.48
CA TYR A 120 13.02 -3.82 2.25
C TYR A 120 14.36 -4.06 1.56
N MET A 121 14.38 -5.05 0.67
CA MET A 121 15.53 -5.27 -0.19
C MET A 121 15.04 -5.62 -1.59
N LEU A 122 15.76 -5.13 -2.59
CA LEU A 122 15.44 -5.37 -3.99
C LEU A 122 16.74 -5.74 -4.69
N ASP A 123 16.91 -7.03 -4.99
CA ASP A 123 18.05 -7.47 -5.77
C ASP A 123 17.90 -7.01 -7.20
N SER A 124 18.81 -6.15 -7.65
CA SER A 124 18.81 -5.70 -9.03
C SER A 124 19.87 -6.41 -9.86
N ARG A 125 20.52 -7.45 -9.33
CA ARG A 125 21.65 -8.05 -10.03
C ARG A 125 21.22 -8.69 -11.34
N SER A 126 19.97 -9.10 -11.44
CA SER A 126 19.41 -9.61 -12.70
C SER A 126 18.34 -8.66 -13.23
N ARG A 129 15.13 -11.20 -15.52
CA ARG A 129 13.91 -11.46 -14.74
C ARG A 129 13.25 -10.14 -14.35
N VAL A 130 12.15 -10.21 -13.60
CA VAL A 130 11.41 -9.04 -13.16
C VAL A 130 11.76 -8.76 -11.70
N LEU A 131 12.18 -7.53 -11.42
CA LEU A 131 12.66 -7.20 -10.08
C LEU A 131 11.56 -7.33 -9.05
N GLN A 132 11.89 -7.97 -7.94
CA GLN A 132 10.93 -8.32 -6.90
C GLN A 132 11.39 -7.73 -5.57
N TRP A 133 10.55 -6.90 -4.97
CA TRP A 133 10.84 -6.38 -3.64
C TRP A 133 10.62 -7.47 -2.61
N GLU A 134 11.45 -7.44 -1.56
CA GLU A 134 11.26 -8.34 -0.43
C GLU A 134 11.28 -7.53 0.85
N ARG A 135 10.18 -7.59 1.61
CA ARG A 135 10.12 -6.99 2.94
C ARG A 135 10.79 -7.93 3.94
N ILE A 136 11.81 -7.45 4.63
CA ILE A 136 12.63 -8.31 5.50
C ILE A 136 12.10 -8.20 6.91
N ASP A 137 11.57 -9.29 7.44
CA ASP A 137 11.15 -9.30 8.84
C ASP A 137 12.43 -9.49 9.66
N CYS A 138 13.00 -8.37 10.11
CA CYS A 138 14.29 -8.38 10.76
C CYS A 138 14.20 -8.84 12.20
N GLN A 139 15.28 -9.45 12.68
CA GLN A 139 15.36 -9.77 14.09
C GLN A 139 15.86 -8.56 14.86
N GLY A 140 15.67 -8.59 16.18
CA GLY A 140 16.07 -7.51 17.07
C GLY A 140 15.07 -6.36 17.10
N ILE A 141 15.42 -5.33 17.86
CA ILE A 141 14.57 -4.16 18.02
C ILE A 141 14.87 -3.19 16.86
N PRO A 142 13.93 -2.95 15.95
CA PRO A 142 14.20 -2.00 14.85
C PRO A 142 14.23 -0.57 15.38
N PRO A 143 14.71 0.39 14.57
CA PRO A 143 14.62 1.79 14.97
C PRO A 143 13.16 2.23 15.02
N SER A 144 12.93 3.36 15.65
CA SER A 144 11.60 3.95 15.61
C SER A 144 11.25 4.35 14.17
N SER A 145 9.96 4.48 13.90
CA SER A 145 9.48 4.89 12.59
C SER A 145 9.89 6.32 12.28
N LYS A 146 10.51 6.53 11.12
CA LYS A 146 11.10 7.83 10.85
C LYS A 146 11.40 7.97 9.37
N ASP A 147 11.70 9.21 8.98
CA ASP A 147 12.19 9.54 7.66
C ASP A 147 13.33 10.54 7.81
N LYS A 148 13.88 10.95 6.66
CA LYS A 148 14.88 12.02 6.58
C LYS A 148 16.08 11.74 7.49
N LEU A 149 16.61 10.52 7.38
CA LEU A 149 17.75 10.08 8.15
C LEU A 149 18.94 9.88 7.22
N GLY A 150 19.91 9.09 7.67
CA GLY A 150 21.11 8.83 6.90
C GLY A 150 21.66 7.47 7.29
N VAL A 151 22.47 6.92 6.39
CA VAL A 151 22.99 5.57 6.53
C VAL A 151 24.44 5.55 6.04
N TRP A 152 25.27 4.77 6.73
CA TRP A 152 26.62 4.45 6.31
C TRP A 152 26.68 2.95 6.03
N VAL A 153 27.47 2.57 5.03
CA VAL A 153 27.67 1.17 4.69
C VAL A 153 29.09 0.79 5.10
N TYR A 154 29.20 -0.25 5.92
CA TYR A 154 30.52 -0.68 6.37
C TYR A 154 30.51 -2.19 6.52
N LYS A 155 31.23 -2.85 5.61
CA LYS A 155 31.34 -4.32 5.58
C LYS A 155 29.93 -4.88 5.43
N ASN A 156 29.48 -5.75 6.33
CA ASN A 156 28.16 -6.35 6.29
C ASN A 156 27.10 -5.48 6.94
N LYS A 157 27.49 -4.37 7.55
CA LYS A 157 26.60 -3.53 8.35
C LYS A 157 26.04 -2.33 7.56
N LEU A 158 24.74 -2.09 7.74
CA LEU A 158 24.10 -0.82 7.42
C LEU A 158 23.90 -0.07 8.73
N ILE A 159 24.46 1.12 8.83
CA ILE A 159 24.43 1.90 10.06
C ILE A 159 23.59 3.14 9.80
N PHE A 160 22.45 3.23 10.48
CA PHE A 160 21.49 4.32 10.31
C PHE A 160 21.63 5.34 11.43
N PHE A 161 21.58 6.62 11.09
CA PHE A 161 21.72 7.69 12.06
C PHE A 161 20.60 8.70 11.90
N GLY A 162 19.98 9.07 13.02
CA GLY A 162 19.14 10.24 13.09
C GLY A 162 17.77 10.06 12.46
N GLY A 163 17.14 11.19 12.18
CA GLY A 163 15.90 11.22 11.45
C GLY A 163 14.77 11.85 12.24
N TYR A 164 13.58 11.80 11.66
CA TYR A 164 12.40 12.46 12.19
C TYR A 164 11.23 11.50 12.22
N GLY A 165 10.59 11.37 13.38
CA GLY A 165 9.43 10.49 13.48
C GLY A 165 8.87 10.45 14.88
N TYR A 166 8.12 9.39 15.17
CA TYR A 166 7.38 9.28 16.43
C TYR A 166 8.31 9.02 17.59
N LEU A 167 7.81 9.30 18.78
CA LEU A 167 8.51 8.95 20.01
C LEU A 167 8.86 7.46 19.99
N PRO A 168 10.11 7.08 20.30
CA PRO A 168 10.43 5.65 20.37
C PRO A 168 9.80 4.99 21.58
N LYS A 171 12.44 0.69 23.89
CA LYS A 171 13.80 0.72 24.46
C LYS A 171 14.78 1.07 23.36
N VAL A 172 15.58 2.12 23.56
CA VAL A 172 16.48 2.55 22.52
C VAL A 172 17.58 3.41 23.15
N LEU A 173 18.81 3.21 22.69
CA LEU A 173 19.91 4.07 23.10
C LEU A 173 19.93 5.35 22.27
N GLY A 174 20.29 6.44 22.91
CA GLY A 174 20.31 7.75 22.30
C GLY A 174 19.25 8.65 22.90
N THR A 175 19.05 9.78 22.25
CA THR A 175 18.11 10.78 22.73
C THR A 175 17.11 11.15 21.65
N PHE A 176 15.94 11.59 22.09
CA PHE A 176 14.85 12.03 21.23
C PHE A 176 14.39 13.39 21.71
N GLU A 177 14.00 14.24 20.75
CA GLU A 177 13.61 15.62 21.03
C GLU A 177 12.41 15.99 20.16
N PHE A 178 11.28 16.25 20.81
CA PHE A 178 10.05 16.55 20.11
C PHE A 178 10.17 17.82 19.27
N ASP A 179 9.42 17.85 18.17
CA ASP A 179 9.23 19.04 17.35
C ASP A 179 7.90 19.65 17.78
N GLU A 180 7.97 20.81 18.46
CA GLU A 180 6.77 21.38 19.06
C GLU A 180 5.75 21.81 18.01
N THR A 181 6.20 22.10 16.79
CA THR A 181 5.25 22.39 15.70
C THR A 181 4.47 21.14 15.29
N SER A 182 4.78 19.98 15.83
CA SER A 182 3.94 18.80 15.58
C SER A 182 2.86 18.62 16.63
N PHE A 183 2.92 19.35 17.75
CA PHE A 183 1.99 19.08 18.85
C PHE A 183 0.56 19.36 18.45
N TRP A 184 0.36 20.32 17.54
CA TRP A 184 -0.98 20.70 17.09
C TRP A 184 -1.10 20.56 15.58
N SER A 187 -3.65 13.84 15.68
CA SER A 187 -2.45 13.27 15.07
C SER A 187 -1.50 12.74 16.15
N HIS A 188 -0.27 12.48 15.74
CA HIS A 188 0.78 12.01 16.63
C HIS A 188 1.93 12.99 16.61
N PRO A 189 2.45 13.40 17.77
CA PRO A 189 3.62 14.28 17.77
C PRO A 189 4.85 13.56 17.25
N ARG A 190 5.79 14.34 16.72
CA ARG A 190 7.01 13.81 16.14
C ARG A 190 8.21 14.62 16.59
N GLY A 191 9.39 14.08 16.32
CA GLY A 191 10.60 14.73 16.76
C GLY A 191 11.82 14.09 16.12
N TRP A 192 12.98 14.64 16.47
CA TRP A 192 14.28 14.24 15.97
C TRP A 192 14.95 13.27 16.93
N ASN A 193 15.83 12.42 16.38
CA ASN A 193 16.63 11.50 17.19
C ASN A 193 18.08 11.59 16.75
N ASP A 194 18.97 11.18 17.67
CA ASP A 194 20.38 10.97 17.38
C ASP A 194 20.74 9.49 17.40
N HIS A 195 19.79 8.62 17.10
CA HIS A 195 20.00 7.20 17.32
C HIS A 195 20.93 6.62 16.27
N VAL A 196 21.80 5.71 16.70
CA VAL A 196 22.58 4.88 15.80
C VAL A 196 22.04 3.46 15.88
N HIS A 197 21.78 2.85 14.73
CA HIS A 197 21.25 1.51 14.64
C HIS A 197 22.03 0.74 13.57
N ILE A 198 22.25 -0.55 13.83
CA ILE A 198 22.96 -1.41 12.90
C ILE A 198 21.99 -2.46 12.40
N LEU A 199 21.90 -2.60 11.10
CA LEU A 199 21.27 -3.79 10.53
C LEU A 199 22.40 -4.65 9.98
N ASP A 200 22.62 -5.79 10.60
CA ASP A 200 23.64 -6.72 10.16
C ASP A 200 23.08 -7.58 9.03
N THR A 201 23.54 -7.34 7.80
CA THR A 201 23.04 -8.11 6.67
C THR A 201 23.45 -9.58 6.69
N GLU A 202 24.41 -9.97 7.53
CA GLU A 202 24.70 -11.39 7.68
C GLU A 202 23.51 -12.14 8.26
N THR A 203 22.71 -11.48 9.10
CA THR A 203 21.59 -12.11 9.78
C THR A 203 20.31 -11.30 9.72
N PHE A 204 20.32 -10.11 9.13
CA PHE A 204 19.20 -9.17 9.18
C PHE A 204 18.70 -9.01 10.61
N THR A 205 19.63 -8.65 11.48
CA THR A 205 19.36 -8.40 12.89
C THR A 205 19.73 -6.96 13.23
N TRP A 206 18.77 -6.25 13.80
CA TRP A 206 18.98 -4.92 14.32
C TRP A 206 19.76 -5.00 15.63
N SER A 207 20.54 -3.95 15.90
CA SER A 207 21.23 -3.77 17.17
C SER A 207 21.69 -2.33 17.27
N GLN A 208 22.23 -1.97 18.43
CA GLN A 208 22.75 -0.63 18.59
C GLN A 208 24.15 -0.70 19.18
N PRO A 209 25.12 -0.05 18.58
CA PRO A 209 26.46 -0.03 19.16
C PRO A 209 26.48 0.90 20.36
N ILE A 210 27.37 0.58 21.30
CA ILE A 210 27.61 1.44 22.44
C ILE A 210 28.72 2.40 22.03
N THR A 211 28.37 3.66 21.82
CA THR A 211 29.33 4.60 21.29
C THR A 211 30.08 5.31 22.41
N THR A 212 31.22 5.89 22.05
CA THR A 212 31.95 6.82 22.89
C THR A 212 32.06 8.14 22.15
N GLY A 213 32.43 9.19 22.86
CA GLY A 213 32.43 10.52 22.29
C GLY A 213 31.05 11.14 22.39
N LYS A 214 30.95 12.39 21.93
CA LYS A 214 29.68 13.13 21.96
C LYS A 214 29.00 13.00 20.60
N ALA A 215 27.85 12.35 20.57
CA ALA A 215 27.07 12.26 19.36
C ALA A 215 26.72 13.66 18.86
N PRO A 216 26.45 13.81 17.55
CA PRO A 216 25.77 15.02 17.11
C PRO A 216 24.43 15.09 17.79
N SER A 217 23.85 16.29 17.84
CA SER A 217 22.51 16.42 18.38
C SER A 217 21.54 15.59 17.54
N PRO A 218 20.34 15.32 18.07
CA PRO A 218 19.27 14.79 17.21
C PRO A 218 19.08 15.69 16.00
N ARG A 219 18.62 15.11 14.90
CA ARG A 219 18.53 15.90 13.67
C ARG A 219 17.92 15.04 12.58
N ALA A 220 17.40 15.73 11.56
CA ALA A 220 16.93 15.07 10.35
C ALA A 220 17.30 15.94 9.16
N ALA A 221 17.18 15.35 7.96
CA ALA A 221 17.54 16.02 6.70
C ALA A 221 19.00 16.44 6.65
N HIS A 222 19.81 15.87 7.55
CA HIS A 222 21.26 15.85 7.46
C HIS A 222 21.71 14.96 6.30
N ALA A 223 23.01 14.95 6.05
CA ALA A 223 23.56 14.16 4.95
C ALA A 223 24.71 13.33 5.48
N CYS A 224 24.71 12.04 5.16
CA CYS A 224 25.74 11.11 5.59
C CYS A 224 26.58 10.65 4.40
N ALA A 225 27.86 10.39 4.67
CA ALA A 225 28.77 9.90 3.64
C ALA A 225 29.84 9.04 4.30
N THR A 226 30.16 7.92 3.65
CA THR A 226 31.11 6.96 4.19
C THR A 226 32.38 7.01 3.37
N VAL A 227 33.51 7.11 4.05
CA VAL A 227 34.82 6.90 3.44
C VAL A 227 35.61 6.03 4.41
N GLY A 228 36.07 4.88 3.94
CA GLY A 228 36.80 3.98 4.82
C GLY A 228 35.93 3.56 5.98
N ASN A 229 36.47 3.68 7.19
CA ASN A 229 35.72 3.35 8.40
C ASN A 229 35.16 4.58 9.09
N ARG A 230 35.01 5.68 8.37
CA ARG A 230 34.49 6.92 8.93
C ARG A 230 33.12 7.19 8.33
N GLY A 231 32.12 7.30 9.19
CA GLY A 231 30.80 7.68 8.74
C GLY A 231 30.57 9.16 8.99
N PHE A 232 30.72 9.98 7.96
CA PHE A 232 30.55 11.42 8.09
C PHE A 232 29.08 11.82 8.09
N VAL A 233 28.76 12.83 8.89
CA VAL A 233 27.44 13.45 8.88
C VAL A 233 27.63 14.97 8.93
N PHE A 234 26.96 15.67 8.03
CA PHE A 234 27.03 17.11 7.96
C PHE A 234 25.63 17.69 8.07
N GLY A 235 25.50 18.71 8.92
CA GLY A 235 24.34 19.57 8.95
C GLY A 235 23.08 18.89 9.45
N GLY A 236 21.95 19.33 8.89
CA GLY A 236 20.63 18.83 9.23
C GLY A 236 19.84 19.85 10.06
N ARG A 237 18.56 19.55 10.20
CA ARG A 237 17.64 20.41 10.93
C ARG A 237 17.51 19.87 12.36
N TYR A 238 17.50 20.80 13.32
CA TYR A 238 17.27 20.47 14.73
C TYR A 238 16.71 21.70 15.43
N ARG A 239 15.49 21.59 15.95
CA ARG A 239 14.77 22.70 16.57
C ARG A 239 14.69 23.83 15.55
N ASP A 240 15.24 25.00 15.82
CA ASP A 240 15.09 26.17 14.95
C ASP A 240 16.32 26.45 14.11
N ALA A 241 17.23 25.48 13.96
CA ALA A 241 18.43 25.68 13.17
C ALA A 241 18.56 24.63 12.08
N ARG A 242 19.07 25.06 10.94
CA ARG A 242 19.67 24.18 9.95
C ARG A 242 21.17 24.38 10.10
N MET A 243 21.86 23.34 10.52
CA MET A 243 23.15 23.46 11.18
C MET A 243 24.30 23.25 10.22
N ASN A 244 25.48 23.63 10.69
CA ASN A 244 26.69 23.66 9.89
C ASN A 244 27.78 22.73 10.44
N ASP A 245 27.46 21.87 11.40
CA ASP A 245 28.49 21.07 12.05
C ASP A 245 28.78 19.77 11.28
N LEU A 246 30.00 19.28 11.47
CA LEU A 246 30.50 18.14 10.73
C LEU A 246 31.07 17.13 11.71
N HIS A 247 30.60 15.90 11.64
CA HIS A 247 31.08 14.84 12.51
C HIS A 247 31.39 13.60 11.68
N TYR A 248 32.12 12.67 12.30
CA TYR A 248 32.13 11.31 11.81
C TYR A 248 32.06 10.34 12.97
N LEU A 249 31.43 9.21 12.72
CA LEU A 249 31.40 8.09 13.63
C LEU A 249 32.40 7.06 13.12
N ASN A 250 33.41 6.73 13.93
CA ASN A 250 34.33 5.67 13.55
C ASN A 250 33.58 4.35 13.57
N LEU A 251 33.43 3.73 12.40
CA LEU A 251 32.65 2.52 12.26
C LEU A 251 33.36 1.26 12.75
N ASP A 252 34.60 1.36 13.24
CA ASP A 252 35.27 0.25 13.89
C ASP A 252 35.18 0.35 15.40
N THR A 253 35.51 1.50 15.97
CA THR A 253 35.57 1.67 17.41
C THR A 253 34.34 2.34 17.99
N TRP A 254 33.43 2.83 17.15
CA TRP A 254 32.19 3.48 17.58
C TRP A 254 32.46 4.73 18.42
N GLU A 255 33.51 5.46 18.06
CA GLU A 255 33.82 6.75 18.68
C GLU A 255 33.36 7.90 17.78
N TRP A 256 32.58 8.81 18.35
CA TRP A 256 32.19 10.04 17.66
C TRP A 256 33.32 11.07 17.72
N ASN A 257 33.55 11.75 16.60
CA ASN A 257 34.49 12.87 16.55
C ASN A 257 33.82 14.05 15.87
N GLU A 258 34.04 15.25 16.40
CA GLU A 258 33.63 16.47 15.70
C GLU A 258 34.81 17.04 14.94
N LEU A 259 34.55 17.52 13.73
CA LEU A 259 35.56 18.12 12.88
C LEU A 259 35.34 19.62 12.86
N ILE A 260 36.33 20.37 13.32
CA ILE A 260 36.32 21.82 13.15
C ILE A 260 37.28 22.16 12.02
N PRO A 261 36.80 22.40 10.81
CA PRO A 261 37.71 22.82 9.74
C PRO A 261 38.24 24.22 10.02
N GLN A 262 39.54 24.40 9.87
CA GLN A 262 40.10 25.75 9.86
C GLN A 262 39.63 26.47 8.61
N GLY A 263 39.21 27.72 8.78
CA GLY A 263 38.86 28.55 7.66
C GLY A 263 37.37 28.63 7.40
N ILE A 264 37.05 29.11 6.19
CA ILE A 264 35.67 29.30 5.79
C ILE A 264 34.96 27.95 5.69
N CYS A 265 33.82 27.83 6.33
CA CYS A 265 32.98 26.64 6.22
C CYS A 265 31.71 26.97 5.45
N PRO A 266 31.01 25.96 4.94
CA PRO A 266 29.73 26.23 4.28
C PRO A 266 28.66 26.63 5.29
N VAL A 267 27.70 27.42 4.82
CA VAL A 267 26.56 27.80 5.66
C VAL A 267 25.78 26.55 6.10
N GLY A 268 25.28 26.59 7.32
CA GLY A 268 24.42 25.53 7.81
C GLY A 268 23.22 25.29 6.92
N ARG A 269 22.77 24.04 6.88
CA ARG A 269 21.74 23.65 5.93
C ARG A 269 21.16 22.30 6.32
N SER A 270 19.98 22.02 5.76
CA SER A 270 19.40 20.69 5.71
C SER A 270 19.03 20.42 4.26
N TRP A 271 18.70 19.15 3.95
CA TRP A 271 18.19 18.76 2.65
C TRP A 271 19.22 18.90 1.53
N HIS A 272 20.49 18.98 1.92
CA HIS A 272 21.64 18.98 1.03
C HIS A 272 22.12 17.56 0.79
N SER A 273 23.00 17.41 -0.21
CA SER A 273 23.66 16.13 -0.47
C SER A 273 25.14 16.20 -0.13
N LEU A 274 25.67 15.06 0.32
CA LEU A 274 27.07 14.91 0.70
C LEU A 274 27.53 13.58 0.15
N THR A 275 28.49 13.61 -0.78
CA THR A 275 28.84 12.43 -1.58
C THR A 275 30.33 12.15 -1.56
N PRO A 276 30.76 10.93 -1.21
CA PRO A 276 32.17 10.60 -1.39
C PRO A 276 32.51 10.58 -2.87
N VAL A 277 33.62 11.23 -3.23
CA VAL A 277 34.08 11.23 -4.62
C VAL A 277 35.50 10.71 -4.75
N SER A 278 36.12 10.29 -3.66
CA SER A 278 37.47 9.74 -3.66
C SER A 278 37.72 9.22 -2.26
N SER A 279 38.90 8.64 -2.06
CA SER A 279 39.21 8.23 -0.70
C SER A 279 39.50 9.41 0.20
N ASP A 280 39.44 10.65 -0.31
CA ASP A 280 39.84 11.78 0.49
C ASP A 280 38.96 13.02 0.30
N HIS A 281 37.85 12.93 -0.46
CA HIS A 281 37.01 14.10 -0.71
C HIS A 281 35.52 13.77 -0.61
N LEU A 282 34.77 14.62 0.09
CA LEU A 282 33.31 14.60 0.12
C LEU A 282 32.79 15.77 -0.70
N PHE A 283 31.68 15.56 -1.42
CA PHE A 283 31.13 16.60 -2.27
C PHE A 283 29.78 17.07 -1.73
N LEU A 284 29.67 18.36 -1.43
CA LEU A 284 28.49 18.95 -0.84
C LEU A 284 27.76 19.80 -1.87
N PHE A 285 26.44 19.58 -2.01
CA PHE A 285 25.65 20.42 -2.91
C PHE A 285 24.26 20.73 -2.33
N GLY A 286 23.84 21.98 -2.54
CA GLY A 286 22.45 22.37 -2.34
C GLY A 286 22.06 22.40 -0.87
N GLY A 287 20.77 22.37 -0.66
CA GLY A 287 20.19 22.40 0.68
C GLY A 287 19.38 23.64 0.94
N PHE A 288 19.23 23.95 2.23
CA PHE A 288 18.20 24.89 2.70
C PHE A 288 18.68 25.47 4.03
N THR A 289 18.83 26.79 4.10
CA THR A 289 19.38 27.42 5.29
C THR A 289 18.33 27.61 6.38
N THR A 290 18.82 28.01 7.56
CA THR A 290 17.92 28.32 8.67
C THR A 290 16.91 29.38 8.28
N ASP A 291 17.32 30.35 7.46
CA ASP A 291 16.48 31.44 6.99
C ASP A 291 15.79 31.12 5.67
N LYS A 292 15.63 29.83 5.33
CA LYS A 292 14.81 29.39 4.23
C LYS A 292 15.36 29.79 2.86
N GLN A 293 16.68 29.97 2.76
CA GLN A 293 17.33 30.21 1.48
C GLN A 293 17.58 28.90 0.76
N PRO A 294 16.99 28.66 -0.41
CA PRO A 294 17.41 27.51 -1.23
C PRO A 294 18.84 27.69 -1.75
N LEU A 295 19.64 26.62 -1.66
CA LEU A 295 21.07 26.72 -1.94
C LEU A 295 21.47 26.05 -3.24
N SER A 296 22.40 26.68 -3.95
CA SER A 296 23.06 26.11 -5.11
C SER A 296 24.58 26.14 -4.99
N ASP A 297 25.12 26.41 -3.82
CA ASP A 297 26.56 26.34 -3.71
C ASP A 297 27.01 24.88 -3.65
N ALA A 298 28.22 24.64 -4.11
CA ALA A 298 28.86 23.34 -4.07
C ALA A 298 30.22 23.49 -3.41
N TRP A 299 30.58 22.51 -2.59
CA TRP A 299 31.87 22.47 -1.91
C TRP A 299 32.40 21.05 -1.93
N THR A 300 33.72 20.91 -1.87
CA THR A 300 34.34 19.63 -1.60
C THR A 300 35.04 19.76 -0.25
N TYR A 301 34.78 18.80 0.63
CA TYR A 301 35.51 18.71 1.89
C TYR A 301 36.70 17.77 1.67
N CYS A 302 37.90 18.27 1.94
CA CYS A 302 39.11 17.45 1.84
C CYS A 302 39.40 16.85 3.21
N ILE A 303 39.26 15.53 3.31
CA ILE A 303 39.33 14.87 4.62
C ILE A 303 40.72 15.03 5.23
N SER A 304 41.76 14.75 4.44
CA SER A 304 43.10 14.71 4.99
C SER A 304 43.58 16.11 5.37
N LYS A 305 43.09 17.15 4.72
CA LYS A 305 43.45 18.50 5.12
C LYS A 305 42.45 19.13 6.09
N ASN A 306 41.30 18.48 6.33
CA ASN A 306 40.24 19.03 7.16
C ASN A 306 39.87 20.45 6.71
N GLU A 307 39.53 20.56 5.43
CA GLU A 307 39.35 21.86 4.82
C GLU A 307 38.24 21.77 3.78
N TRP A 308 37.40 22.79 3.74
CA TRP A 308 36.39 22.96 2.72
C TRP A 308 36.93 23.83 1.60
N ILE A 309 36.56 23.48 0.37
CA ILE A 309 36.95 24.21 -0.83
C ILE A 309 35.70 24.43 -1.65
N GLN A 310 35.34 25.70 -1.87
CA GLN A 310 34.18 26.00 -2.71
C GLN A 310 34.44 25.54 -4.13
N PHE A 311 33.38 25.10 -4.79
CA PHE A 311 33.46 24.39 -6.06
C PHE A 311 32.62 25.13 -7.08
N ASN A 312 33.27 25.64 -8.12
CA ASN A 312 32.58 26.39 -9.16
C ASN A 312 31.96 25.44 -10.17
N HIS A 313 30.76 25.79 -10.62
CA HIS A 313 29.94 24.90 -11.42
C HIS A 313 28.93 25.75 -12.16
N PRO A 314 28.31 25.22 -13.21
CA PRO A 314 27.43 26.04 -14.04
C PRO A 314 25.97 26.09 -13.60
N TYR A 315 25.61 25.61 -12.41
CA TYR A 315 24.20 25.55 -12.01
C TYR A 315 23.87 26.52 -10.89
N THR A 316 24.61 27.62 -10.81
CA THR A 316 24.37 28.58 -9.73
C THR A 316 22.92 29.10 -9.73
N GLU A 317 22.22 29.06 -10.87
CA GLU A 317 20.82 29.44 -10.91
C GLU A 317 19.87 28.26 -10.70
N LYS A 318 20.38 27.11 -10.29
CA LYS A 318 19.55 25.95 -10.02
C LYS A 318 19.81 25.42 -8.61
N PRO A 319 19.44 26.18 -7.59
CA PRO A 319 19.47 25.63 -6.23
C PRO A 319 18.56 24.42 -6.14
N ARG A 320 18.91 23.48 -5.27
CA ARG A 320 18.08 22.29 -5.07
C ARG A 320 18.10 21.90 -3.61
N LEU A 321 16.93 21.56 -3.07
CA LEU A 321 16.86 20.97 -1.75
C LEU A 321 16.07 19.69 -1.86
N TRP A 322 16.49 18.70 -1.06
CA TRP A 322 15.84 17.40 -1.03
C TRP A 322 15.99 16.68 -2.36
N HIS A 323 17.06 17.01 -3.09
CA HIS A 323 17.49 16.25 -4.24
C HIS A 323 18.21 14.98 -3.77
N THR A 324 18.63 14.15 -4.72
CA THR A 324 19.61 13.11 -4.43
C THR A 324 20.89 13.39 -5.22
N ALA A 325 21.95 12.69 -4.82
CA ALA A 325 23.24 12.79 -5.49
C ALA A 325 23.93 11.45 -5.42
N CYS A 326 24.55 11.03 -6.53
CA CYS A 326 25.27 9.77 -6.65
C CYS A 326 26.54 9.96 -7.46
N ALA A 327 27.63 9.37 -6.98
CA ALA A 327 28.91 9.43 -7.69
C ALA A 327 28.94 8.43 -8.84
N SER A 328 29.48 8.85 -9.97
CA SER A 328 29.72 7.93 -11.07
C SER A 328 31.12 7.34 -10.97
N ASP A 329 31.32 6.20 -11.64
CA ASP A 329 32.65 5.64 -11.79
C ASP A 329 33.58 6.58 -12.55
N GLU A 330 33.02 7.49 -13.36
CA GLU A 330 33.82 8.47 -14.08
C GLU A 330 34.07 9.75 -13.27
N GLY A 331 33.99 9.68 -11.93
CA GLY A 331 34.29 10.82 -11.08
C GLY A 331 33.27 11.95 -11.08
N GLU A 332 32.07 11.73 -11.61
CA GLU A 332 31.03 12.74 -11.61
C GLU A 332 30.12 12.56 -10.41
N VAL A 333 29.36 13.61 -10.09
CA VAL A 333 28.24 13.51 -9.16
C VAL A 333 26.97 13.83 -9.94
N ILE A 334 26.01 12.92 -9.88
CA ILE A 334 24.74 13.06 -10.58
C ILE A 334 23.70 13.48 -9.55
N VAL A 335 23.23 14.70 -9.66
CA VAL A 335 22.16 15.24 -8.83
C VAL A 335 20.87 15.13 -9.61
N PHE A 336 19.83 14.58 -8.97
CA PHE A 336 18.52 14.46 -9.60
C PHE A 336 17.41 14.89 -8.65
N GLY A 337 16.39 15.54 -9.19
CA GLY A 337 15.19 15.77 -8.43
C GLY A 337 15.35 16.91 -7.45
N GLY A 338 14.44 16.94 -6.48
CA GLY A 338 14.44 17.97 -5.46
C GLY A 338 13.70 19.21 -5.92
N CYS A 339 13.76 20.22 -5.06
CA CYS A 339 12.92 21.41 -5.21
C CYS A 339 13.81 22.64 -5.32
N ALA A 340 13.45 23.54 -6.22
CA ALA A 340 14.27 24.71 -6.48
C ALA A 340 13.95 25.89 -5.57
N ASN A 341 12.90 25.82 -4.77
CA ASN A 341 12.51 26.92 -3.90
C ASN A 341 12.04 26.34 -2.57
N ASN A 342 11.45 27.19 -1.74
CA ASN A 342 10.99 26.80 -0.41
C ASN A 342 9.84 25.82 -0.57
N LEU A 343 10.15 24.52 -0.49
CA LEU A 343 9.10 23.53 -0.66
C LEU A 343 8.10 23.55 0.49
N LEU A 344 8.37 24.29 1.56
CA LEU A 344 7.39 24.37 2.64
C LEU A 344 6.14 25.13 2.21
N VAL A 345 6.24 26.01 1.21
CA VAL A 345 5.05 26.63 0.61
C VAL A 345 4.60 25.65 -0.47
N HIS A 346 3.72 24.74 -0.09
CA HIS A 346 3.46 23.56 -0.90
C HIS A 346 2.88 23.92 -2.26
N HIS A 347 1.96 24.87 -2.30
CA HIS A 347 1.31 25.24 -3.55
C HIS A 347 2.22 26.04 -4.47
N ARG A 348 3.43 26.38 -4.04
CA ARG A 348 4.39 27.07 -4.88
C ARG A 348 5.66 26.26 -5.12
N ALA A 349 5.67 24.98 -4.72
CA ALA A 349 6.92 24.23 -4.69
C ALA A 349 7.35 23.88 -6.11
N ALA A 350 8.59 24.20 -6.42
CA ALA A 350 9.15 24.00 -7.76
C ALA A 350 9.96 22.70 -7.75
N HIS A 351 9.25 21.58 -7.78
CA HIS A 351 9.90 20.28 -7.90
C HIS A 351 10.52 20.10 -9.28
N SER A 352 11.62 19.35 -9.34
CA SER A 352 12.41 19.23 -10.55
C SER A 352 12.67 17.77 -10.91
N ASN A 353 12.81 17.52 -12.21
CA ASN A 353 13.29 16.23 -12.72
C ASN A 353 14.58 16.38 -13.50
N GLU A 354 15.29 17.49 -13.29
CA GLU A 354 16.54 17.73 -13.98
C GLU A 354 17.66 16.89 -13.40
N ILE A 355 18.51 16.39 -14.29
CA ILE A 355 19.81 15.83 -13.94
C ILE A 355 20.82 16.97 -13.97
N LEU A 356 21.54 17.13 -12.87
CA LEU A 356 22.69 18.04 -12.78
C LEU A 356 23.95 17.19 -12.65
N ILE A 357 24.93 17.43 -13.53
CA ILE A 357 26.14 16.63 -13.56
C ILE A 357 27.31 17.51 -13.14
N PHE A 358 27.91 17.21 -12.00
CA PHE A 358 29.10 17.90 -11.52
C PHE A 358 30.34 17.07 -11.82
N SER A 359 31.41 17.73 -12.27
CA SER A 359 32.67 17.08 -12.60
C SER A 359 33.67 17.40 -11.50
N VAL A 360 33.81 16.49 -10.54
CA VAL A 360 34.59 16.79 -9.34
C VAL A 360 36.03 16.30 -9.43
N ALA B 28 -15.96 -1.69 22.39
CA ALA B 28 -15.22 -2.18 21.22
C ALA B 28 -16.17 -2.42 20.05
N CYS B 29 -16.05 -1.59 19.01
CA CYS B 29 -17.03 -1.64 17.94
C CYS B 29 -16.47 -1.07 16.63
N PRO B 30 -16.60 -1.80 15.53
CA PRO B 30 -16.01 -1.32 14.28
C PRO B 30 -16.79 -0.13 13.71
N ALA B 31 -16.07 0.76 13.06
CA ALA B 31 -16.71 1.90 12.40
C ALA B 31 -17.59 1.44 11.25
N GLU B 32 -18.53 2.31 10.88
CA GLU B 32 -19.43 2.04 9.77
C GLU B 32 -18.66 1.95 8.46
N ARG B 33 -19.21 1.21 7.51
CA ARG B 33 -18.52 0.90 6.27
C ARG B 33 -19.46 0.18 5.31
N SER B 34 -19.24 0.42 4.03
CA SER B 34 -19.84 -0.33 2.94
C SER B 34 -18.69 -0.93 2.14
N GLY B 35 -18.97 -2.00 1.39
CA GLY B 35 -17.97 -2.55 0.51
C GLY B 35 -16.87 -3.35 1.19
N HIS B 36 -17.04 -3.67 2.46
CA HIS B 36 -16.14 -4.52 3.21
C HIS B 36 -16.41 -5.98 2.86
N VAL B 37 -15.58 -6.86 3.43
CA VAL B 37 -15.85 -8.28 3.36
C VAL B 37 -16.14 -8.78 4.77
N ALA B 38 -16.94 -9.83 4.83
CA ALA B 38 -17.20 -10.57 6.06
C ALA B 38 -17.25 -12.04 5.69
N VAL B 39 -16.47 -12.84 6.39
CA VAL B 39 -16.47 -14.28 6.21
C VAL B 39 -16.59 -14.93 7.58
N SER B 40 -17.01 -16.18 7.59
CA SER B 40 -17.34 -16.78 8.87
C SER B 40 -17.10 -18.28 8.82
N ASP B 41 -16.85 -18.86 10.00
CA ASP B 41 -16.84 -20.31 10.18
C ASP B 41 -18.09 -20.81 10.90
N GLY B 42 -19.17 -20.03 10.88
CA GLY B 42 -20.38 -20.40 11.60
C GLY B 42 -20.43 -19.91 13.03
N ARG B 43 -19.30 -19.47 13.59
CA ARG B 43 -19.25 -19.05 14.98
C ARG B 43 -18.58 -17.69 15.12
N HIS B 44 -17.45 -17.49 14.47
CA HIS B 44 -16.80 -16.19 14.41
C HIS B 44 -16.91 -15.62 13.02
N MET B 45 -17.13 -14.30 12.96
CA MET B 45 -17.24 -13.56 11.71
C MET B 45 -16.08 -12.58 11.64
N PHE B 46 -15.30 -12.65 10.56
CA PHE B 46 -14.11 -11.82 10.35
C PHE B 46 -14.45 -10.74 9.33
N VAL B 47 -14.23 -9.48 9.70
CA VAL B 47 -14.59 -8.33 8.87
C VAL B 47 -13.34 -7.52 8.57
N TRP B 48 -13.16 -7.16 7.31
CA TRP B 48 -11.99 -6.42 6.87
C TRP B 48 -12.38 -5.39 5.81
N GLY B 49 -11.62 -4.27 5.78
CA GLY B 49 -11.70 -3.31 4.69
C GLY B 49 -13.02 -2.56 4.60
N GLY B 50 -13.37 -2.16 3.37
CA GLY B 50 -14.53 -1.32 3.11
C GLY B 50 -14.19 0.15 3.15
N TYR B 51 -15.21 1.00 2.98
CA TYR B 51 -14.98 2.44 3.03
C TYR B 51 -16.15 3.10 3.72
N LYS B 52 -15.96 4.38 4.08
CA LYS B 52 -17.04 5.21 4.62
C LYS B 52 -16.82 6.66 4.19
N SER B 53 -17.67 7.55 4.69
CA SER B 53 -17.58 8.98 4.33
C SER B 53 -17.27 9.85 5.54
N PHE B 62 -12.64 7.65 2.12
CA PHE B 62 -11.81 7.13 3.21
C PHE B 62 -11.95 5.59 3.41
N TYR B 63 -10.90 4.85 3.11
CA TYR B 63 -10.91 3.41 3.35
C TYR B 63 -10.55 3.07 4.78
N LEU B 64 -11.22 2.07 5.33
CA LEU B 64 -10.97 1.63 6.69
C LEU B 64 -9.56 1.03 6.79
N PRO B 65 -8.95 1.08 7.98
CA PRO B 65 -7.51 0.75 8.08
C PRO B 65 -7.23 -0.68 7.66
N ARG B 66 -6.27 -0.81 6.74
CA ARG B 66 -5.95 -2.09 6.12
C ARG B 66 -5.59 -3.17 7.12
N GLU B 67 -4.96 -2.78 8.24
CA GLU B 67 -4.39 -3.77 9.15
C GLU B 67 -5.36 -4.22 10.22
N GLU B 68 -6.54 -3.61 10.28
CA GLU B 68 -7.55 -4.01 11.25
C GLU B 68 -8.34 -5.19 10.70
N LEU B 69 -8.40 -6.26 11.49
CA LEU B 69 -9.31 -7.36 11.26
C LEU B 69 -10.25 -7.40 12.44
N TRP B 70 -11.54 -7.15 12.18
CA TRP B 70 -12.54 -7.18 13.22
C TRP B 70 -13.18 -8.55 13.26
N ILE B 71 -13.31 -9.08 14.47
CA ILE B 71 -13.85 -10.42 14.71
C ILE B 71 -15.10 -10.26 15.54
N TYR B 72 -16.20 -10.82 15.05
CA TYR B 72 -17.48 -10.77 15.74
C TYR B 72 -17.82 -12.18 16.16
N ASN B 73 -17.98 -12.40 17.46
CA ASN B 73 -18.40 -13.70 17.94
C ASN B 73 -19.92 -13.76 17.82
N MET B 74 -20.42 -14.68 17.02
CA MET B 74 -21.86 -14.70 16.75
C MET B 74 -22.67 -15.24 17.91
N GLU B 75 -22.03 -15.92 18.87
CA GLU B 75 -22.70 -16.45 20.05
C GLU B 75 -22.79 -15.43 21.18
N THR B 76 -21.83 -14.52 21.29
CA THR B 76 -21.84 -13.52 22.33
C THR B 76 -22.21 -12.12 21.85
N GLY B 77 -22.12 -11.85 20.57
CA GLY B 77 -22.42 -10.54 20.04
C GLY B 77 -21.36 -9.53 20.33
N ARG B 78 -20.20 -10.01 20.73
CA ARG B 78 -19.07 -9.16 21.01
C ARG B 78 -18.11 -9.06 19.87
N TRP B 79 -17.45 -7.90 19.78
CA TRP B 79 -16.43 -7.63 18.80
C TRP B 79 -15.05 -7.57 19.38
N LYS B 80 -14.07 -7.85 18.55
CA LYS B 80 -12.70 -7.82 18.92
C LYS B 80 -11.87 -7.36 17.74
N LYS B 81 -11.01 -6.38 17.96
CA LYS B 81 -10.13 -5.91 16.95
C LYS B 81 -8.72 -6.47 17.05
N ILE B 82 -8.25 -7.02 15.96
CA ILE B 82 -6.90 -7.53 15.86
C ILE B 82 -6.20 -6.74 14.77
N ASN B 83 -4.98 -6.29 15.04
CA ASN B 83 -4.12 -5.78 13.99
C ASN B 83 -3.29 -6.92 13.41
N THR B 84 -3.18 -6.93 12.09
CA THR B 84 -2.47 -7.97 11.37
C THR B 84 -1.12 -7.46 10.90
N GLU B 85 -0.27 -8.40 10.49
CA GLU B 85 1.04 -8.08 9.93
C GLU B 85 1.19 -8.90 8.65
N GLY B 86 2.44 -9.01 8.17
CA GLY B 86 2.69 -9.71 6.91
C GLY B 86 2.42 -8.82 5.70
N ASP B 87 1.95 -9.46 4.62
CA ASP B 87 1.65 -8.78 3.36
C ASP B 87 0.23 -8.22 3.44
N VAL B 88 0.07 -7.23 4.31
CA VAL B 88 -1.24 -6.63 4.50
C VAL B 88 -1.69 -6.11 3.15
N PRO B 89 -2.85 -6.53 2.66
CA PRO B 89 -3.38 -5.97 1.41
C PRO B 89 -3.71 -4.50 1.60
N PRO B 90 -3.72 -3.71 0.53
CA PRO B 90 -4.15 -2.31 0.68
C PRO B 90 -5.62 -2.22 1.10
N SER B 91 -5.95 -1.16 1.81
CA SER B 91 -7.34 -0.90 2.16
C SER B 91 -8.19 -0.89 0.90
N MET B 92 -9.25 -1.69 0.89
CA MET B 92 -10.01 -1.89 -0.33
C MET B 92 -11.50 -1.98 -0.03
N SER B 93 -12.30 -1.49 -0.97
CA SER B 93 -13.71 -1.84 -1.05
C SER B 93 -13.92 -2.85 -2.17
N GLY B 94 -15.01 -3.58 -2.06
CA GLY B 94 -15.41 -4.49 -3.11
C GLY B 94 -14.57 -5.72 -3.27
N SER B 95 -13.70 -6.02 -2.31
CA SER B 95 -12.94 -7.27 -2.36
C SER B 95 -13.86 -8.46 -2.21
N CYS B 96 -13.34 -9.62 -2.61
CA CYS B 96 -14.05 -10.88 -2.60
C CYS B 96 -13.32 -11.86 -1.69
N ALA B 97 -13.99 -12.33 -0.64
CA ALA B 97 -13.36 -13.12 0.40
C ALA B 97 -14.15 -14.38 0.71
N VAL B 98 -13.41 -15.44 1.07
CA VAL B 98 -13.96 -16.71 1.52
C VAL B 98 -13.25 -17.10 2.81
N CYS B 99 -13.95 -17.90 3.62
CA CYS B 99 -13.33 -18.57 4.76
C CYS B 99 -13.49 -20.07 4.58
N VAL B 100 -12.42 -20.74 4.23
CA VAL B 100 -12.40 -22.20 4.10
C VAL B 100 -11.54 -22.76 5.22
N ASP B 101 -12.16 -23.46 6.16
CA ASP B 101 -11.44 -24.09 7.26
C ASP B 101 -10.55 -23.09 7.98
N ARG B 102 -11.12 -21.94 8.29
CA ARG B 102 -10.49 -20.86 9.06
C ARG B 102 -9.26 -20.26 8.38
N VAL B 103 -9.04 -20.56 7.11
CA VAL B 103 -8.13 -19.81 6.27
C VAL B 103 -8.97 -18.81 5.47
N LEU B 104 -8.66 -17.53 5.58
CA LEU B 104 -9.34 -16.50 4.81
C LEU B 104 -8.61 -16.30 3.49
N TYR B 105 -9.37 -16.29 2.39
CA TYR B 105 -8.82 -15.95 1.10
C TYR B 105 -9.48 -14.66 0.60
N LEU B 106 -8.69 -13.76 0.04
CA LEU B 106 -9.17 -12.48 -0.44
C LEU B 106 -8.65 -12.27 -1.86
N PHE B 107 -9.57 -12.03 -2.81
CA PHE B 107 -9.23 -11.69 -4.18
C PHE B 107 -9.81 -10.33 -4.56
N GLY B 108 -9.05 -9.56 -5.36
CA GLY B 108 -9.52 -8.36 -6.01
C GLY B 108 -9.93 -7.24 -5.04
N GLY B 109 -10.67 -6.28 -5.57
CA GLY B 109 -11.08 -5.12 -4.82
C GLY B 109 -10.65 -3.82 -5.48
N HIS B 110 -10.94 -2.72 -4.78
CA HIS B 110 -10.66 -1.38 -5.26
C HIS B 110 -10.00 -0.59 -4.14
N HIS B 111 -8.76 -0.18 -4.36
CA HIS B 111 -8.03 0.68 -3.43
C HIS B 111 -7.92 2.07 -4.04
N SER B 112 -7.19 2.95 -3.37
CA SER B 112 -7.16 4.35 -3.78
C SER B 112 -6.58 4.55 -5.18
N ARG B 113 -5.87 3.55 -5.72
CA ARG B 113 -5.36 3.63 -7.08
C ARG B 113 -6.06 2.65 -8.02
N GLY B 114 -7.29 2.25 -7.71
CA GLY B 114 -8.08 1.45 -8.61
C GLY B 114 -8.16 -0.02 -8.25
N ASN B 115 -8.57 -0.81 -9.23
CA ASN B 115 -8.85 -2.23 -9.04
C ASN B 115 -7.58 -3.06 -9.09
N THR B 116 -7.65 -4.22 -8.45
CA THR B 116 -6.51 -5.11 -8.35
C THR B 116 -6.98 -6.53 -8.66
N ASN B 117 -6.01 -7.37 -9.01
CA ASN B 117 -6.29 -8.81 -9.10
C ASN B 117 -5.36 -9.61 -8.21
N LYS B 118 -4.81 -9.00 -7.16
CA LYS B 118 -3.96 -9.70 -6.23
C LYS B 118 -4.77 -10.66 -5.38
N PHE B 119 -4.12 -11.75 -4.95
CA PHE B 119 -4.72 -12.80 -4.15
C PHE B 119 -3.95 -12.97 -2.85
N TYR B 120 -4.67 -12.89 -1.73
CA TYR B 120 -4.08 -13.00 -0.40
C TYR B 120 -4.72 -14.15 0.37
N MET B 121 -4.00 -14.58 1.41
CA MET B 121 -4.43 -15.63 2.32
C MET B 121 -4.05 -15.20 3.73
N LEU B 122 -4.96 -15.42 4.68
CA LEU B 122 -4.68 -15.18 6.08
C LEU B 122 -5.20 -16.34 6.91
N ASP B 123 -4.29 -17.09 7.54
CA ASP B 123 -4.68 -18.18 8.43
C ASP B 123 -5.15 -17.62 9.76
N SER B 124 -6.42 -17.88 10.09
CA SER B 124 -7.05 -17.31 11.28
C SER B 124 -7.12 -18.28 12.45
N ARG B 125 -6.54 -19.47 12.33
CA ARG B 125 -6.63 -20.45 13.42
C ARG B 125 -5.33 -20.55 14.22
N VAL B 130 0.37 -13.77 16.33
CA VAL B 130 -0.13 -12.65 15.54
C VAL B 130 -0.50 -13.12 14.13
N LEU B 131 -1.63 -12.64 13.62
CA LEU B 131 -2.11 -13.11 12.33
C LEU B 131 -1.31 -12.42 11.22
N GLN B 132 -0.87 -13.21 10.26
CA GLN B 132 -0.07 -12.73 9.14
C GLN B 132 -0.85 -12.89 7.85
N TRP B 133 -0.90 -11.82 7.06
CA TRP B 133 -1.36 -11.91 5.69
C TRP B 133 -0.23 -12.43 4.80
N GLU B 134 -0.57 -13.31 3.88
CA GLU B 134 0.37 -13.74 2.87
C GLU B 134 -0.19 -13.43 1.51
N ARG B 135 0.59 -12.73 0.68
CA ARG B 135 0.21 -12.47 -0.70
C ARG B 135 0.67 -13.65 -1.55
N ILE B 136 -0.28 -14.32 -2.21
CA ILE B 136 0.01 -15.54 -2.93
C ILE B 136 0.36 -15.19 -4.36
N ASP B 137 1.57 -15.52 -4.77
CA ASP B 137 1.99 -15.24 -6.12
C ASP B 137 1.66 -16.47 -6.93
N CYS B 138 0.45 -16.46 -7.51
CA CYS B 138 -0.20 -17.61 -8.11
C CYS B 138 0.36 -17.91 -9.49
N GLN B 139 0.18 -19.15 -9.92
CA GLN B 139 0.55 -19.52 -11.28
C GLN B 139 -0.65 -19.40 -12.23
N GLY B 140 -0.35 -19.31 -13.52
CA GLY B 140 -1.38 -19.19 -14.53
C GLY B 140 -1.84 -17.75 -14.73
N ILE B 141 -2.79 -17.58 -15.63
CA ILE B 141 -3.31 -16.26 -15.97
C ILE B 141 -4.38 -15.86 -14.95
N PRO B 142 -4.17 -14.84 -14.15
CA PRO B 142 -5.16 -14.44 -13.15
C PRO B 142 -6.36 -13.79 -13.81
N PRO B 143 -7.45 -13.57 -13.08
CA PRO B 143 -8.53 -12.76 -13.65
C PRO B 143 -8.04 -11.34 -13.86
N SER B 144 -8.80 -10.59 -14.65
CA SER B 144 -8.54 -9.16 -14.77
C SER B 144 -8.79 -8.47 -13.43
N SER B 145 -8.18 -7.30 -13.23
CA SER B 145 -8.36 -6.57 -11.99
C SER B 145 -9.79 -6.07 -11.88
N LYS B 146 -10.42 -6.29 -10.74
CA LYS B 146 -11.86 -6.06 -10.67
C LYS B 146 -12.29 -6.10 -9.20
N ASP B 147 -13.52 -5.67 -8.97
CA ASP B 147 -14.12 -5.72 -7.65
C ASP B 147 -15.59 -6.07 -7.83
N LYS B 148 -16.31 -6.18 -6.70
CA LYS B 148 -17.76 -6.39 -6.71
C LYS B 148 -18.14 -7.63 -7.54
N LEU B 149 -17.48 -8.74 -7.21
CA LEU B 149 -17.74 -9.98 -7.93
C LEU B 149 -18.31 -10.98 -6.93
N GLY B 150 -18.14 -12.28 -7.24
CA GLY B 150 -18.65 -13.32 -6.37
C GLY B 150 -17.76 -14.53 -6.48
N VAL B 151 -17.88 -15.41 -5.48
CA VAL B 151 -17.04 -16.60 -5.41
C VAL B 151 -17.87 -17.78 -4.88
N TRP B 152 -17.58 -18.96 -5.40
CA TRP B 152 -18.07 -20.23 -4.90
C TRP B 152 -16.90 -21.08 -4.39
N VAL B 153 -17.17 -21.84 -3.34
CA VAL B 153 -16.18 -22.76 -2.79
C VAL B 153 -16.66 -24.16 -3.09
N TYR B 154 -15.80 -24.94 -3.75
CA TYR B 154 -16.15 -26.31 -4.11
C TYR B 154 -14.87 -27.13 -4.08
N LYS B 155 -14.75 -27.99 -3.06
CA LYS B 155 -13.61 -28.89 -2.90
C LYS B 155 -12.37 -28.05 -2.71
N ASN B 156 -11.33 -28.22 -3.51
CA ASN B 156 -10.10 -27.47 -3.45
C ASN B 156 -10.15 -26.18 -4.25
N LYS B 157 -11.27 -25.87 -4.90
CA LYS B 157 -11.37 -24.79 -5.84
C LYS B 157 -12.12 -23.59 -5.26
N LEU B 158 -11.56 -22.40 -5.48
CA LEU B 158 -12.27 -21.13 -5.35
C LEU B 158 -12.64 -20.73 -6.77
N ILE B 159 -13.94 -20.56 -7.02
CA ILE B 159 -14.45 -20.28 -8.36
C ILE B 159 -15.04 -18.88 -8.31
N PHE B 160 -14.44 -17.96 -9.05
CA PHE B 160 -14.82 -16.55 -9.03
C PHE B 160 -15.64 -16.24 -10.28
N PHE B 161 -16.62 -15.35 -10.13
CA PHE B 161 -17.50 -15.01 -11.25
C PHE B 161 -17.80 -13.53 -11.29
N GLY B 162 -17.66 -12.93 -12.47
CA GLY B 162 -18.13 -11.59 -12.71
C GLY B 162 -17.20 -10.52 -12.16
N GLY B 163 -17.76 -9.32 -12.04
CA GLY B 163 -17.09 -8.19 -11.44
C GLY B 163 -17.00 -6.99 -12.37
N TYR B 164 -16.35 -5.96 -11.85
CA TYR B 164 -16.20 -4.68 -12.51
C TYR B 164 -14.75 -4.24 -12.39
N GLY B 165 -14.14 -3.89 -13.51
CA GLY B 165 -12.75 -3.48 -13.51
C GLY B 165 -12.31 -3.25 -14.95
N TYR B 166 -10.98 -3.28 -15.14
CA TYR B 166 -10.40 -2.87 -16.42
C TYR B 166 -10.65 -3.91 -17.49
N LEU B 167 -10.46 -3.48 -18.72
CA LEU B 167 -10.38 -4.39 -19.85
C LEU B 167 -9.39 -5.49 -19.53
N PRO B 168 -9.76 -6.76 -19.68
CA PRO B 168 -8.82 -7.85 -19.48
C PRO B 168 -7.86 -7.98 -20.66
N GLU B 169 -6.96 -8.94 -20.56
CA GLU B 169 -6.21 -9.38 -21.72
C GLU B 169 -7.11 -10.27 -22.59
N ASP B 170 -6.88 -10.17 -23.90
CA ASP B 170 -7.72 -10.91 -24.83
C ASP B 170 -7.76 -12.40 -24.55
N LYS B 171 -6.73 -12.94 -23.88
CA LYS B 171 -6.65 -14.39 -23.65
C LYS B 171 -7.71 -14.90 -22.69
N VAL B 172 -8.35 -14.05 -21.90
CA VAL B 172 -9.37 -14.56 -20.99
C VAL B 172 -10.58 -15.02 -21.80
N LEU B 173 -11.21 -16.10 -21.35
CA LEU B 173 -12.46 -16.59 -21.92
C LEU B 173 -13.65 -15.90 -21.27
N GLY B 174 -14.69 -15.67 -22.05
CA GLY B 174 -15.89 -15.00 -21.61
C GLY B 174 -16.03 -13.64 -22.27
N THR B 175 -17.01 -12.88 -21.81
CA THR B 175 -17.29 -11.58 -22.43
C THR B 175 -17.04 -10.44 -21.43
N PHE B 176 -16.56 -9.32 -21.97
CA PHE B 176 -16.39 -8.07 -21.24
C PHE B 176 -17.15 -6.97 -21.96
N GLU B 177 -17.86 -6.15 -21.21
CA GLU B 177 -18.59 -5.01 -21.73
C GLU B 177 -18.28 -3.76 -20.98
N PHE B 178 -17.94 -2.72 -21.73
CA PHE B 178 -17.55 -1.45 -21.13
C PHE B 178 -18.73 -0.71 -20.50
N ASP B 179 -18.45 0.02 -19.44
CA ASP B 179 -19.38 0.99 -18.88
C ASP B 179 -19.05 2.32 -19.54
N GLU B 180 -19.92 2.77 -20.47
CA GLU B 180 -19.61 3.99 -21.22
C GLU B 180 -19.32 5.16 -20.29
N THR B 181 -19.98 5.25 -19.13
CA THR B 181 -19.71 6.37 -18.22
C THR B 181 -18.29 6.35 -17.68
N SER B 182 -17.59 5.22 -17.75
CA SER B 182 -16.22 5.17 -17.25
C SER B 182 -15.24 5.84 -18.19
N PHE B 183 -15.62 6.13 -19.43
CA PHE B 183 -14.72 6.84 -20.34
C PHE B 183 -14.68 8.33 -20.04
N TRP B 184 -15.73 8.87 -19.44
CA TRP B 184 -15.89 10.32 -19.29
C TRP B 184 -15.45 10.79 -17.90
N HIS B 188 -8.80 5.39 -17.02
CA HIS B 188 -8.94 4.01 -17.48
C HIS B 188 -10.40 3.58 -17.46
N PRO B 189 -10.95 3.24 -18.62
CA PRO B 189 -12.33 2.77 -18.65
C PRO B 189 -12.45 1.41 -17.98
N ARG B 190 -13.66 1.14 -17.48
CA ARG B 190 -13.97 -0.11 -16.81
C ARG B 190 -15.26 -0.68 -17.35
N GLY B 191 -15.48 -1.95 -17.07
CA GLY B 191 -16.68 -2.61 -17.51
C GLY B 191 -16.95 -3.87 -16.72
N TRP B 192 -18.06 -4.50 -17.05
CA TRP B 192 -18.52 -5.70 -16.39
C TRP B 192 -18.05 -6.93 -17.15
N ASN B 193 -17.91 -8.05 -16.45
CA ASN B 193 -17.50 -9.29 -17.10
C ASN B 193 -18.37 -10.43 -16.59
N ASP B 194 -18.36 -11.53 -17.36
CA ASP B 194 -19.02 -12.76 -16.94
C ASP B 194 -18.03 -13.88 -16.75
N HIS B 195 -16.76 -13.53 -16.51
CA HIS B 195 -15.69 -14.52 -16.49
C HIS B 195 -15.90 -15.47 -15.33
N VAL B 196 -15.55 -16.74 -15.55
CA VAL B 196 -15.44 -17.73 -14.50
C VAL B 196 -13.97 -18.11 -14.41
N HIS B 197 -13.39 -17.98 -13.22
CA HIS B 197 -12.00 -18.34 -12.98
C HIS B 197 -11.93 -19.29 -11.82
N ILE B 198 -11.12 -20.33 -11.96
CA ILE B 198 -10.82 -21.26 -10.88
C ILE B 198 -9.45 -20.93 -10.31
N LEU B 199 -9.38 -20.75 -9.01
CA LEU B 199 -8.11 -20.81 -8.30
C LEU B 199 -8.05 -22.15 -7.58
N ASP B 200 -7.10 -22.99 -7.98
CA ASP B 200 -6.94 -24.33 -7.39
C ASP B 200 -6.00 -24.19 -6.19
N THR B 201 -6.51 -24.45 -5.00
CA THR B 201 -5.67 -24.25 -3.83
C THR B 201 -4.66 -25.38 -3.63
N GLU B 202 -4.77 -26.48 -4.38
CA GLU B 202 -3.71 -27.49 -4.35
C GLU B 202 -2.41 -26.97 -4.95
N THR B 203 -2.49 -26.04 -5.90
CA THR B 203 -1.32 -25.49 -6.57
C THR B 203 -1.25 -23.97 -6.60
N PHE B 204 -2.28 -23.27 -6.12
CA PHE B 204 -2.48 -21.83 -6.38
C PHE B 204 -2.25 -21.50 -7.85
N THR B 205 -2.94 -22.24 -8.71
CA THR B 205 -2.91 -22.03 -10.14
C THR B 205 -4.28 -21.57 -10.60
N TRP B 206 -4.32 -20.46 -11.33
CA TRP B 206 -5.52 -20.01 -11.99
C TRP B 206 -5.78 -20.84 -13.24
N SER B 207 -7.05 -20.97 -13.59
CA SER B 207 -7.47 -21.52 -14.87
C SER B 207 -8.89 -21.03 -15.12
N GLN B 208 -9.41 -21.34 -16.31
CA GLN B 208 -10.80 -21.08 -16.62
C GLN B 208 -11.43 -22.37 -17.15
N PRO B 209 -12.58 -22.78 -16.63
CA PRO B 209 -13.26 -23.94 -17.20
C PRO B 209 -13.98 -23.56 -18.48
N ILE B 210 -14.02 -24.51 -19.41
CA ILE B 210 -14.94 -24.40 -20.53
C ILE B 210 -16.34 -24.69 -20.00
N THR B 211 -17.23 -23.72 -20.10
CA THR B 211 -18.58 -23.95 -19.62
C THR B 211 -19.53 -24.20 -20.80
N THR B 212 -20.69 -24.75 -20.47
CA THR B 212 -21.77 -24.92 -21.42
C THR B 212 -23.02 -24.30 -20.84
N GLY B 213 -24.08 -24.20 -21.66
CA GLY B 213 -25.25 -23.44 -21.31
C GLY B 213 -24.99 -21.95 -21.42
N LYS B 214 -26.04 -21.17 -21.23
CA LYS B 214 -25.96 -19.72 -21.36
C LYS B 214 -25.55 -19.13 -20.02
N ALA B 215 -24.33 -18.60 -19.96
CA ALA B 215 -23.90 -17.86 -18.78
C ALA B 215 -24.84 -16.68 -18.53
N PRO B 216 -24.92 -16.20 -17.30
CA PRO B 216 -25.56 -14.91 -17.08
C PRO B 216 -24.76 -13.86 -17.81
N SER B 217 -25.42 -12.75 -18.15
CA SER B 217 -24.72 -11.62 -18.72
C SER B 217 -23.59 -11.16 -17.78
N PRO B 218 -22.61 -10.42 -18.30
CA PRO B 218 -21.65 -9.77 -17.40
C PRO B 218 -22.39 -8.97 -16.34
N ARG B 219 -21.76 -8.80 -15.19
CA ARG B 219 -22.44 -8.12 -14.10
C ARG B 219 -21.45 -7.91 -12.97
N ALA B 220 -21.79 -6.97 -12.10
CA ALA B 220 -21.10 -6.78 -10.85
C ALA B 220 -22.14 -6.48 -9.78
N ALA B 221 -21.71 -6.60 -8.53
CA ALA B 221 -22.56 -6.39 -7.37
C ALA B 221 -23.70 -7.40 -7.32
N HIS B 222 -23.58 -8.48 -8.08
CA HIS B 222 -24.42 -9.65 -7.89
C HIS B 222 -24.03 -10.34 -6.59
N ALA B 223 -24.76 -11.40 -6.25
CA ALA B 223 -24.50 -12.17 -5.04
C ALA B 223 -24.43 -13.64 -5.39
N CYS B 224 -23.40 -14.32 -4.89
CA CYS B 224 -23.18 -15.74 -5.13
C CYS B 224 -23.37 -16.54 -3.86
N ALA B 225 -23.79 -17.80 -4.01
CA ALA B 225 -23.94 -18.68 -2.87
C ALA B 225 -23.76 -20.13 -3.33
N THR B 226 -23.16 -20.95 -2.49
CA THR B 226 -22.88 -22.34 -2.85
C THR B 226 -23.70 -23.27 -1.98
N VAL B 227 -24.34 -24.24 -2.62
CA VAL B 227 -24.90 -25.39 -1.93
C VAL B 227 -24.49 -26.61 -2.73
N GLY B 228 -23.73 -27.49 -2.12
CA GLY B 228 -23.32 -28.71 -2.82
C GLY B 228 -22.49 -28.36 -4.05
N ASN B 229 -22.83 -28.94 -5.18
CA ASN B 229 -22.07 -28.66 -6.40
C ASN B 229 -22.72 -27.56 -7.23
N ARG B 230 -23.59 -26.74 -6.65
CA ARG B 230 -24.31 -25.72 -7.39
C ARG B 230 -23.85 -24.34 -6.94
N GLY B 231 -23.40 -23.54 -7.89
CA GLY B 231 -22.97 -22.19 -7.60
C GLY B 231 -24.05 -21.22 -8.03
N PHE B 232 -24.88 -20.80 -7.08
CA PHE B 232 -25.96 -19.86 -7.37
C PHE B 232 -25.43 -18.44 -7.53
N VAL B 233 -26.07 -17.69 -8.42
CA VAL B 233 -25.86 -16.24 -8.56
C VAL B 233 -27.22 -15.59 -8.79
N PHE B 234 -27.50 -14.53 -8.04
CA PHE B 234 -28.72 -13.77 -8.18
C PHE B 234 -28.40 -12.30 -8.43
N GLY B 235 -29.12 -11.71 -9.38
CA GLY B 235 -29.12 -10.28 -9.55
C GLY B 235 -27.79 -9.68 -10.00
N GLY B 236 -27.60 -8.42 -9.62
CA GLY B 236 -26.43 -7.66 -9.98
C GLY B 236 -26.74 -6.61 -11.04
N ARG B 237 -25.75 -5.76 -11.26
CA ARG B 237 -25.90 -4.62 -12.14
C ARG B 237 -25.24 -4.97 -13.46
N TYR B 238 -25.97 -4.72 -14.53
CA TYR B 238 -25.46 -4.88 -15.88
C TYR B 238 -26.05 -3.75 -16.70
N ARG B 239 -25.23 -2.92 -17.28
CA ARG B 239 -25.67 -1.74 -18.00
C ARG B 239 -26.64 -0.85 -17.21
N ASP B 240 -27.83 -0.67 -17.68
CA ASP B 240 -28.77 0.20 -16.97
C ASP B 240 -29.76 -0.56 -16.10
N ALA B 241 -29.50 -1.84 -15.82
CA ALA B 241 -30.43 -2.66 -15.08
C ALA B 241 -29.76 -3.23 -13.85
N ARG B 242 -30.53 -3.33 -12.76
CA ARG B 242 -30.20 -4.15 -11.61
C ARG B 242 -31.18 -5.32 -11.63
N MET B 243 -30.65 -6.50 -11.85
CA MET B 243 -31.40 -7.57 -12.47
C MET B 243 -32.03 -8.51 -11.46
N ASN B 244 -33.01 -9.28 -11.94
CA ASN B 244 -33.80 -10.16 -11.08
C ASN B 244 -33.61 -11.63 -11.43
N ASP B 245 -32.58 -11.98 -12.18
CA ASP B 245 -32.42 -13.32 -12.69
C ASP B 245 -31.58 -14.19 -11.74
N LEU B 246 -31.91 -15.48 -11.72
CA LEU B 246 -31.24 -16.42 -10.86
C LEU B 246 -30.70 -17.55 -11.71
N HIS B 247 -29.41 -17.83 -11.58
CA HIS B 247 -28.75 -18.93 -12.27
C HIS B 247 -27.93 -19.72 -11.27
N TYR B 248 -27.41 -20.86 -11.74
CA TYR B 248 -26.37 -21.56 -10.98
C TYR B 248 -25.46 -22.26 -11.97
N LEU B 249 -24.20 -22.32 -11.62
CA LEU B 249 -23.20 -23.05 -12.37
C LEU B 249 -23.00 -24.39 -11.69
N ASN B 250 -23.23 -25.48 -12.42
CA ASN B 250 -22.88 -26.80 -11.90
C ASN B 250 -21.35 -26.87 -11.77
N LEU B 251 -20.87 -27.04 -10.54
CA LEU B 251 -19.43 -26.92 -10.32
C LEU B 251 -18.69 -28.23 -10.58
N ASP B 252 -19.41 -29.30 -10.90
CA ASP B 252 -18.80 -30.51 -11.45
C ASP B 252 -18.70 -30.43 -12.97
N THR B 253 -19.83 -30.16 -13.64
CA THR B 253 -19.92 -30.28 -15.08
C THR B 253 -19.75 -28.96 -15.83
N TRP B 254 -19.65 -27.84 -15.11
CA TRP B 254 -19.50 -26.51 -15.70
C TRP B 254 -20.61 -26.22 -16.71
N GLU B 255 -21.80 -26.73 -16.43
CA GLU B 255 -23.01 -26.37 -17.17
C GLU B 255 -23.77 -25.28 -16.42
N TRP B 256 -24.05 -24.17 -17.10
CA TRP B 256 -24.91 -23.11 -16.56
C TRP B 256 -26.38 -23.47 -16.70
N ASN B 257 -27.16 -23.15 -15.66
CA ASN B 257 -28.61 -23.32 -15.67
C ASN B 257 -29.28 -22.02 -15.23
N GLU B 258 -30.30 -21.59 -15.96
CA GLU B 258 -31.14 -20.48 -15.49
C GLU B 258 -32.31 -21.06 -14.71
N LEU B 259 -32.59 -20.48 -13.55
CA LEU B 259 -33.73 -20.90 -12.74
C LEU B 259 -34.87 -19.91 -12.93
N ILE B 260 -36.06 -20.42 -13.17
CA ILE B 260 -37.25 -19.58 -13.31
C ILE B 260 -38.25 -20.03 -12.26
N PRO B 261 -38.19 -19.48 -11.05
CA PRO B 261 -39.10 -19.94 -10.01
C PRO B 261 -40.56 -19.67 -10.32
N GLN B 262 -41.42 -20.48 -9.73
CA GLN B 262 -42.85 -20.35 -9.91
C GLN B 262 -43.37 -19.20 -9.07
N GLY B 263 -44.06 -18.25 -9.71
CA GLY B 263 -44.80 -17.24 -8.99
C GLY B 263 -44.07 -15.95 -8.71
N ILE B 264 -44.34 -15.37 -7.54
CA ILE B 264 -43.76 -14.10 -7.13
C ILE B 264 -42.26 -14.28 -6.91
N CYS B 265 -41.47 -13.41 -7.52
CA CYS B 265 -40.03 -13.36 -7.40
C CYS B 265 -39.62 -11.99 -6.88
N PRO B 266 -38.48 -11.90 -6.18
CA PRO B 266 -38.06 -10.60 -5.64
C PRO B 266 -37.71 -9.62 -6.76
N VAL B 267 -37.83 -8.32 -6.46
CA VAL B 267 -37.43 -7.29 -7.40
C VAL B 267 -35.93 -7.39 -7.70
N GLY B 268 -35.58 -7.02 -8.93
CA GLY B 268 -34.18 -7.03 -9.33
C GLY B 268 -33.38 -6.01 -8.55
N ARG B 269 -32.09 -6.32 -8.37
CA ARG B 269 -31.30 -5.56 -7.41
C ARG B 269 -29.83 -5.90 -7.61
N SER B 270 -28.98 -5.00 -7.16
CA SER B 270 -27.57 -5.25 -6.93
C SER B 270 -27.25 -4.91 -5.47
N TRP B 271 -26.04 -5.24 -5.04
CA TRP B 271 -25.53 -4.92 -3.71
C TRP B 271 -26.33 -5.57 -2.59
N HIS B 272 -27.07 -6.63 -2.92
CA HIS B 272 -27.78 -7.47 -1.98
C HIS B 272 -26.87 -8.57 -1.46
N SER B 273 -27.32 -9.26 -0.40
CA SER B 273 -26.67 -10.49 0.04
C SER B 273 -27.54 -11.71 -0.25
N LEU B 274 -26.87 -12.83 -0.53
CA LEU B 274 -27.49 -14.12 -0.76
C LEU B 274 -26.67 -15.15 0.01
N THR B 275 -27.28 -15.84 0.97
CA THR B 275 -26.54 -16.61 1.97
C THR B 275 -27.15 -18.00 2.11
N PRO B 276 -26.40 -19.08 1.89
CA PRO B 276 -26.96 -20.41 2.18
C PRO B 276 -27.22 -20.55 3.67
N VAL B 277 -28.43 -21.00 4.01
CA VAL B 277 -28.79 -21.25 5.40
C VAL B 277 -29.09 -22.70 5.68
N SER B 278 -29.17 -23.54 4.66
CA SER B 278 -29.37 -24.97 4.84
C SER B 278 -28.97 -25.61 3.52
N SER B 279 -29.10 -26.93 3.47
CA SER B 279 -28.88 -27.60 2.20
C SER B 279 -29.97 -27.30 1.18
N ASP B 280 -31.01 -26.53 1.54
CA ASP B 280 -32.12 -26.33 0.62
C ASP B 280 -32.61 -24.88 0.55
N HIS B 281 -31.93 -23.92 1.21
CA HIS B 281 -32.47 -22.55 1.31
C HIS B 281 -31.38 -21.49 1.22
N LEU B 282 -31.61 -20.52 0.34
CA LEU B 282 -30.77 -19.33 0.22
C LEU B 282 -31.51 -18.15 0.82
N PHE B 283 -30.82 -17.33 1.60
CA PHE B 283 -31.45 -16.19 2.26
C PHE B 283 -31.02 -14.91 1.57
N LEU B 284 -31.99 -14.13 1.10
CA LEU B 284 -31.74 -12.92 0.35
C LEU B 284 -32.12 -11.72 1.20
N PHE B 285 -31.24 -10.73 1.28
CA PHE B 285 -31.59 -9.50 1.99
C PHE B 285 -31.01 -8.28 1.31
N GLY B 286 -31.83 -7.22 1.25
CA GLY B 286 -31.34 -5.89 0.97
C GLY B 286 -31.01 -5.67 -0.49
N GLY B 287 -30.18 -4.68 -0.73
CA GLY B 287 -29.78 -4.34 -2.07
C GLY B 287 -30.39 -3.05 -2.57
N PHE B 288 -30.38 -2.90 -3.88
CA PHE B 288 -30.55 -1.59 -4.52
C PHE B 288 -31.23 -1.83 -5.86
N THR B 289 -32.37 -1.19 -6.11
CA THR B 289 -33.11 -1.48 -7.32
C THR B 289 -32.62 -0.62 -8.49
N THR B 290 -33.10 -0.97 -9.69
CA THR B 290 -32.80 -0.20 -10.89
C THR B 290 -33.16 1.28 -10.69
N ASP B 291 -34.31 1.54 -10.10
CA ASP B 291 -34.78 2.88 -9.79
C ASP B 291 -34.23 3.42 -8.47
N LYS B 292 -33.12 2.87 -7.96
CA LYS B 292 -32.35 3.46 -6.86
C LYS B 292 -33.09 3.39 -5.52
N GLN B 293 -33.98 2.41 -5.35
CA GLN B 293 -34.62 2.17 -4.07
C GLN B 293 -33.71 1.32 -3.19
N PRO B 294 -33.31 1.80 -2.02
CA PRO B 294 -32.70 0.90 -1.04
C PRO B 294 -33.73 -0.11 -0.56
N LEU B 295 -33.27 -1.33 -0.30
CA LEU B 295 -34.17 -2.44 -0.07
C LEU B 295 -34.01 -2.99 1.34
N SER B 296 -35.13 -3.33 1.97
CA SER B 296 -35.12 -4.00 3.26
C SER B 296 -35.96 -5.26 3.23
N ASP B 297 -36.38 -5.71 2.07
CA ASP B 297 -37.11 -6.97 2.02
C ASP B 297 -36.14 -8.15 2.18
N ALA B 298 -36.68 -9.25 2.71
CA ALA B 298 -35.93 -10.48 2.88
C ALA B 298 -36.74 -11.63 2.34
N TRP B 299 -36.06 -12.59 1.73
CA TRP B 299 -36.68 -13.75 1.12
C TRP B 299 -35.81 -14.98 1.38
N THR B 300 -36.44 -16.15 1.32
CA THR B 300 -35.71 -17.41 1.21
C THR B 300 -36.03 -18.06 -0.12
N TYR B 301 -35.00 -18.52 -0.81
CA TYR B 301 -35.19 -19.31 -2.03
C TYR B 301 -35.11 -20.77 -1.63
N CYS B 302 -36.23 -21.48 -1.78
CA CYS B 302 -36.22 -22.91 -1.50
C CYS B 302 -35.72 -23.63 -2.75
N ILE B 303 -34.53 -24.22 -2.66
CA ILE B 303 -33.92 -24.83 -3.83
C ILE B 303 -34.78 -25.97 -4.37
N SER B 304 -35.25 -26.85 -3.47
CA SER B 304 -35.97 -28.04 -3.92
C SER B 304 -37.31 -27.67 -4.55
N LYS B 305 -37.98 -26.66 -4.01
CA LYS B 305 -39.26 -26.25 -4.58
C LYS B 305 -39.10 -25.27 -5.74
N ASN B 306 -37.90 -24.73 -5.98
CA ASN B 306 -37.68 -23.67 -6.96
C ASN B 306 -38.70 -22.55 -6.76
N GLU B 307 -38.65 -21.96 -5.56
CA GLU B 307 -39.69 -21.04 -5.14
C GLU B 307 -39.13 -20.05 -4.13
N TRP B 308 -39.55 -18.79 -4.25
CA TRP B 308 -39.22 -17.76 -3.28
C TRP B 308 -40.31 -17.61 -2.24
N ILE B 309 -39.91 -17.46 -0.98
CA ILE B 309 -40.80 -17.19 0.12
C ILE B 309 -40.33 -15.91 0.79
N GLN B 310 -41.17 -14.89 0.78
CA GLN B 310 -40.79 -13.64 1.42
C GLN B 310 -40.76 -13.85 2.94
N PHE B 311 -39.81 -13.19 3.60
CA PHE B 311 -39.44 -13.47 4.98
C PHE B 311 -39.74 -12.24 5.84
N ASN B 312 -40.46 -12.46 6.94
CA ASN B 312 -40.85 -11.39 7.84
C ASN B 312 -39.77 -11.17 8.90
N HIS B 313 -39.47 -9.90 9.17
CA HIS B 313 -38.35 -9.58 10.04
C HIS B 313 -38.57 -8.18 10.60
N PRO B 314 -37.89 -7.84 11.68
CA PRO B 314 -38.16 -6.54 12.30
C PRO B 314 -37.33 -5.39 11.75
N TYR B 315 -36.69 -5.57 10.59
CA TYR B 315 -35.80 -4.53 10.09
C TYR B 315 -36.33 -3.89 8.81
N THR B 316 -37.64 -3.73 8.70
CA THR B 316 -38.19 -3.20 7.45
C THR B 316 -37.77 -1.75 7.25
N GLU B 317 -37.53 -1.03 8.33
CA GLU B 317 -37.09 0.34 8.22
C GLU B 317 -35.57 0.48 8.23
N LYS B 318 -34.84 -0.63 8.17
CA LYS B 318 -33.38 -0.59 8.05
C LYS B 318 -32.94 -1.23 6.74
N PRO B 319 -33.20 -0.59 5.61
CA PRO B 319 -32.67 -1.10 4.35
C PRO B 319 -31.15 -1.01 4.32
N ARG B 320 -30.52 -1.97 3.64
CA ARG B 320 -29.07 -2.01 3.54
C ARG B 320 -28.67 -2.39 2.12
N LEU B 321 -27.61 -1.77 1.63
CA LEU B 321 -27.01 -2.18 0.37
C LEU B 321 -25.51 -2.13 0.54
N TRP B 322 -24.84 -3.10 -0.09
CA TRP B 322 -23.40 -3.32 0.04
C TRP B 322 -23.01 -3.72 1.45
N HIS B 323 -23.97 -4.24 2.21
CA HIS B 323 -23.69 -4.92 3.48
C HIS B 323 -23.04 -6.29 3.23
N THR B 324 -22.69 -6.98 4.30
CA THR B 324 -22.32 -8.38 4.25
C THR B 324 -23.31 -9.20 5.05
N ALA B 325 -23.39 -10.49 4.73
CA ALA B 325 -24.24 -11.43 5.45
C ALA B 325 -23.51 -12.76 5.61
N CYS B 326 -23.52 -13.30 6.82
CA CYS B 326 -22.89 -14.58 7.14
C CYS B 326 -23.86 -15.46 7.90
N ALA B 327 -23.93 -16.73 7.52
CA ALA B 327 -24.75 -17.70 8.25
C ALA B 327 -24.06 -18.15 9.53
N SER B 328 -24.81 -18.24 10.61
CA SER B 328 -24.29 -18.80 11.85
C SER B 328 -24.59 -20.30 11.91
N ASP B 329 -23.88 -21.00 12.80
CA ASP B 329 -24.19 -22.40 13.02
C ASP B 329 -25.56 -22.59 13.68
N GLU B 330 -26.12 -21.52 14.24
CA GLU B 330 -27.42 -21.57 14.89
C GLU B 330 -28.57 -21.20 13.95
N GLY B 331 -28.37 -21.30 12.64
CA GLY B 331 -29.42 -20.99 11.69
C GLY B 331 -29.74 -19.51 11.52
N GLU B 332 -28.90 -18.62 12.02
CA GLU B 332 -29.11 -17.20 11.84
C GLU B 332 -28.26 -16.68 10.69
N VAL B 333 -28.68 -15.53 10.16
CA VAL B 333 -27.89 -14.78 9.18
C VAL B 333 -27.50 -13.47 9.83
N ILE B 334 -26.21 -13.16 9.81
CA ILE B 334 -25.66 -12.02 10.51
C ILE B 334 -25.30 -10.97 9.46
N VAL B 335 -26.07 -9.90 9.43
CA VAL B 335 -25.82 -8.80 8.49
C VAL B 335 -25.03 -7.71 9.19
N PHE B 336 -24.01 -7.20 8.48
CA PHE B 336 -23.19 -6.12 9.01
C PHE B 336 -22.91 -5.08 7.95
N GLY B 337 -22.93 -3.81 8.37
CA GLY B 337 -22.43 -2.72 7.58
C GLY B 337 -23.34 -2.39 6.42
N GLY B 338 -22.74 -1.85 5.36
CA GLY B 338 -23.46 -1.42 4.19
C GLY B 338 -24.12 -0.08 4.43
N CYS B 339 -24.85 0.38 3.41
CA CYS B 339 -25.40 1.74 3.40
C CYS B 339 -26.91 1.70 3.43
N ALA B 340 -27.51 2.62 4.20
CA ALA B 340 -28.96 2.64 4.36
C ALA B 340 -29.67 3.38 3.25
N ASN B 341 -29.00 4.29 2.55
CA ASN B 341 -29.65 5.01 1.47
C ASN B 341 -28.87 4.83 0.17
N ASN B 342 -29.09 5.70 -0.80
CA ASN B 342 -28.44 5.62 -2.10
C ASN B 342 -27.02 6.14 -1.93
N LEU B 343 -26.05 5.22 -1.81
CA LEU B 343 -24.67 5.60 -1.54
C LEU B 343 -24.01 6.27 -2.73
N LEU B 344 -24.67 6.30 -3.88
CA LEU B 344 -24.16 7.04 -5.02
C LEU B 344 -24.18 8.54 -4.80
N VAL B 345 -25.00 9.04 -3.88
CA VAL B 345 -24.96 10.45 -3.48
C VAL B 345 -23.97 10.51 -2.32
N HIS B 346 -22.70 10.76 -2.66
CA HIS B 346 -21.59 10.54 -1.72
C HIS B 346 -21.78 11.32 -0.44
N HIS B 347 -22.12 12.61 -0.55
CA HIS B 347 -22.16 13.45 0.64
C HIS B 347 -23.35 13.16 1.55
N ARG B 348 -24.32 12.35 1.11
CA ARG B 348 -25.42 11.96 1.97
C ARG B 348 -25.40 10.50 2.39
N ALA B 349 -24.40 9.73 1.97
CA ALA B 349 -24.43 8.29 2.22
C ALA B 349 -24.51 7.99 3.72
N ALA B 350 -25.41 7.07 4.08
CA ALA B 350 -25.59 6.65 5.48
C ALA B 350 -24.97 5.27 5.68
N HIS B 351 -23.65 5.24 5.82
CA HIS B 351 -22.96 4.00 6.13
C HIS B 351 -23.25 3.56 7.56
N SER B 352 -23.32 2.25 7.77
CA SER B 352 -23.77 1.72 9.04
C SER B 352 -22.76 0.76 9.64
N ASN B 353 -22.78 0.67 10.97
CA ASN B 353 -22.04 -0.37 11.67
C ASN B 353 -22.96 -1.28 12.47
N GLU B 354 -24.25 -1.27 12.15
CA GLU B 354 -25.22 -2.11 12.86
C GLU B 354 -25.07 -3.57 12.46
N ILE B 355 -25.22 -4.44 13.45
CA ILE B 355 -25.44 -5.86 13.24
C ILE B 355 -26.94 -6.11 13.17
N LEU B 356 -27.40 -6.77 12.11
CA LEU B 356 -28.79 -7.19 11.98
C LEU B 356 -28.82 -8.71 11.99
N ILE B 357 -29.70 -9.27 12.80
CA ILE B 357 -29.70 -10.71 13.05
C ILE B 357 -31.05 -11.25 12.59
N PHE B 358 -31.04 -12.02 11.51
CA PHE B 358 -32.24 -12.67 10.99
C PHE B 358 -32.25 -14.12 11.47
N SER B 359 -33.37 -14.57 12.04
CA SER B 359 -33.52 -15.94 12.51
C SER B 359 -34.27 -16.75 11.45
N VAL B 360 -33.58 -17.64 10.79
CA VAL B 360 -34.19 -18.35 9.69
C VAL B 360 -33.91 -19.86 9.69
N GLY C 1 -15.47 6.11 -8.09
CA GLY C 1 -14.44 5.08 -7.91
C GLY C 1 -14.96 3.71 -7.44
N PRO C 2 -15.05 3.53 -6.10
CA PRO C 2 -15.38 2.19 -5.57
C PRO C 2 -16.79 1.74 -5.90
N SER C 3 -17.73 2.65 -6.09
CA SER C 3 -19.12 2.29 -6.31
C SER C 3 -19.52 2.25 -7.77
N SER C 4 -18.63 2.60 -8.69
CA SER C 4 -18.92 2.50 -10.12
C SER C 4 -19.26 1.06 -10.52
N GLY C 5 -20.23 0.93 -11.43
CA GLY C 5 -20.55 -0.38 -11.96
C GLY C 5 -21.48 -1.21 -11.09
N GLY C 6 -21.88 -0.71 -9.92
CA GLY C 6 -22.89 -1.37 -9.11
C GLY C 6 -24.27 -0.77 -9.34
N GLY D 1 3.24 16.95 7.30
CA GLY D 1 3.37 15.83 6.38
C GLY D 1 4.82 15.38 6.10
N PRO D 2 5.15 15.21 4.82
CA PRO D 2 6.48 14.67 4.46
C PRO D 2 7.62 15.59 4.83
N SER D 3 7.38 16.90 4.83
CA SER D 3 8.48 17.84 4.97
C SER D 3 8.72 18.29 6.40
N SER D 4 7.85 17.92 7.35
CA SER D 4 8.06 18.37 8.72
C SER D 4 9.36 17.81 9.28
N GLY D 5 10.00 18.60 10.13
CA GLY D 5 11.22 18.17 10.76
C GLY D 5 12.46 18.44 9.94
N GLY D 6 12.30 18.83 8.69
CA GLY D 6 13.43 19.27 7.88
C GLY D 6 13.64 20.77 7.91
#